data_8TZG
#
_entry.id   8TZG
#
_cell.length_a   1.00
_cell.length_b   1.00
_cell.length_c   1.00
_cell.angle_alpha   90.00
_cell.angle_beta   90.00
_cell.angle_gamma   90.00
#
_symmetry.space_group_name_H-M   'P 1'
#
loop_
_entity.id
_entity.type
_entity.pdbx_description
1 polymer 'Leucine-rich repeat serine/threonine-protein kinase 2'
2 non-polymer (2~{R},6~{S})-2,6-dimethyl-4-[6-[5-(1-methylcyclopropyl)oxy-1~{H}-indazol-3-yl]pyrimidin-4-yl]morpholine
3 non-polymer "GUANOSINE-5'-DIPHOSPHATE"
4 non-polymer 'MAGNESIUM ION'
5 water water
#
_entity_poly.entity_id   1
_entity_poly.type   'polypeptide(L)'
_entity_poly.pdbx_seq_one_letter_code
;NRMKLMIVGNTGSGKTTLLQQLMKTKKSDLGMQSATVGIDVKDWPIQIRDKRKRDLVLNVWDFAGREEFYSTHPHFMTQR
ALYLAVYDLSKGQAEVDAMKPWLFNIKARASSSPVILVGTHLDVSDEKQRKACMSKITKELLNKRGFPAIRDYHFVNATE
ESDALAKLRKTIINESLNFKIRDQLVVGQLIPDCYVELEKIILSERKNVPIEFPVIDRKRLLQLVRENQLQLDENELPHA
VHFLNESGVLLHFQDPALQLSDLYFVEPKWLCKIMAQILTVKVEGCPKHPKGIISRRDVEKFLSKKRKFPKNYMSQYFKL
LEKFQIALPIGEEYLLVPSSLSDHRPVIELPHCENSEIIIRLYEMPYFPMGFWSRLINRLLEISPYMLSGRERALRPNRM
YWRQGIYLNWSPEAYCLVGSEVLDNHPESFLKITVPSCRKGCILLGQVVDHIDSLMEEWFPGLLEIDICGEGETLLKKWA
LYSFNDGEEHQKILLDDLMKKAEEGDLLVNPDQPRLTIPISQIAPDLILADLPRNIMLNNDELEFEQAPEFLLGDGSFGS
VYRAAYEGEEVAVKIFNKHTSLRLLRQELVVLCHLHHPSLISLLAAGIRPRMLVMELASKGSLDRLLQQDKASLTRTLQH
RIALHVADGLRYLHSAMIIYRDLKPHNVLLFTLYPNAAIIAKIADYGTAQYCCRMGIKTSEGTPGFRAPEVARGNVIYNQ
QADVYSFGLLLYDILTTGGRIVEGLKFPNEFDELEIQGKLPDPVKEYGCAPWPMVEKLIKQCLKENPQERPTSAQVFDIL
NSAELVCLTRRILLPKNVIVECMVATHHNSRNASIWLGCGHTDRGQLSFLDLNTEGYTSEEVADSRILCLALVHLPVEKE
SWIVSGTQSGTLLVINTEDGKKRHTLEKMTDSVTCLYCNSFSKQSKQKNFLLVGTADGKLAIFEDKTVKLKGAAPLKILN
IGNVSTPLMCLSESTNSTERNVMWGGCGTKIFSFSNDFTIQKLIETRTSQLFSYAAFSDSNIITVVVDTALYIAKQNSPV
VEVWDKKTEKLCGLIDCVHFLREVMVKENKESKHKMSYSGRVKTLCLQKNTALWIGTGGGHILLLDLSTRRLIRVIYNFC
NSVRVMMTAQLGSLKNVMLVLGYNRKNTEGTQKQKEIQSCLTVWDINLPHEVQNLEKHIEVRKELAEKMR
;
_entity_poly.pdbx_strand_id   A
#
loop_
_chem_comp.id
_chem_comp.type
_chem_comp.name
_chem_comp.formula
A1N non-polymer (2~{R},6~{S})-2,6-dimethyl-4-[6-[5-(1-methylcyclopropyl)oxy-1~{H}-indazol-3-yl]pyrimidin-4-yl]morpholine 'C21 H25 N5 O2'
GDP RNA linking GUANOSINE-5'-DIPHOSPHATE 'C10 H15 N5 O11 P2'
MG non-polymer 'MAGNESIUM ION' 'Mg 2'
#
# COMPACT_ATOMS: atom_id res chain seq x y z
N ASN A 1 33.59 -24.24 7.25
CA ASN A 1 33.44 -25.40 8.12
C ASN A 1 32.42 -25.12 9.22
N ARG A 2 31.68 -24.03 9.08
CA ARG A 2 30.67 -23.64 10.07
C ARG A 2 29.36 -24.36 9.80
N MET A 3 29.16 -25.51 10.43
CA MET A 3 27.93 -26.27 10.27
C MET A 3 26.98 -25.98 11.42
N LYS A 4 25.69 -26.08 11.14
CA LYS A 4 24.63 -25.81 12.11
C LYS A 4 23.95 -27.11 12.49
N LEU A 5 23.85 -27.37 13.78
CA LEU A 5 23.18 -28.55 14.30
C LEU A 5 21.93 -28.11 15.05
N MET A 6 20.79 -28.71 14.72
CA MET A 6 19.51 -28.38 15.35
C MET A 6 18.89 -29.66 15.88
N ILE A 7 19.00 -29.86 17.19
CA ILE A 7 18.43 -31.04 17.84
C ILE A 7 16.98 -30.74 18.21
N VAL A 8 16.05 -31.13 17.34
CA VAL A 8 14.64 -30.88 17.55
C VAL A 8 13.98 -32.17 18.03
N GLY A 9 12.99 -32.03 18.90
CA GLY A 9 12.29 -33.18 19.41
C GLY A 9 11.28 -32.79 20.47
N ASN A 10 10.66 -33.81 21.04
CA ASN A 10 9.61 -33.65 22.03
C ASN A 10 10.20 -33.58 23.38
N THR A 11 9.76 -32.59 24.15
CA THR A 11 10.28 -32.36 25.48
C THR A 11 10.38 -33.60 26.38
N GLY A 12 11.50 -33.68 27.09
CA GLY A 12 11.79 -34.77 28.00
C GLY A 12 12.78 -35.78 27.49
N SER A 13 12.63 -36.14 26.22
CA SER A 13 13.42 -37.11 25.47
C SER A 13 14.90 -37.09 25.84
N GLY A 14 15.33 -36.14 26.66
CA GLY A 14 16.72 -36.06 27.07
C GLY A 14 17.67 -35.73 25.94
N LYS A 15 17.24 -34.86 25.03
CA LYS A 15 18.12 -34.42 23.94
C LYS A 15 19.19 -33.46 24.42
N THR A 16 18.90 -32.64 25.43
CA THR A 16 19.95 -31.82 26.03
C THR A 16 21.00 -32.70 26.71
N THR A 17 20.56 -33.74 27.42
CA THR A 17 21.45 -34.68 28.07
C THR A 17 22.19 -35.51 27.02
N LEU A 18 21.57 -35.70 25.86
CA LEU A 18 22.17 -36.46 24.77
C LEU A 18 23.46 -35.82 24.28
N LEU A 19 23.46 -34.49 24.14
CA LEU A 19 24.65 -33.78 23.70
C LEU A 19 25.73 -33.70 24.77
N GLN A 20 25.35 -33.70 26.05
CA GLN A 20 26.31 -33.59 27.14
C GLN A 20 27.03 -34.92 27.33
N GLN A 21 27.84 -35.26 26.33
CA GLN A 21 28.62 -36.49 26.35
C GLN A 21 30.06 -36.24 25.93
N THR A 36 14.86 -25.85 27.76
CA THR A 36 13.69 -25.95 28.64
C THR A 36 13.03 -24.59 28.83
N VAL A 37 13.79 -23.54 28.55
CA VAL A 37 13.28 -22.17 28.71
C VAL A 37 13.51 -21.44 27.39
N GLY A 38 13.66 -22.20 26.31
CA GLY A 38 13.93 -21.62 25.01
C GLY A 38 15.11 -22.25 24.30
N ILE A 39 15.31 -21.89 23.04
CA ILE A 39 16.39 -22.46 22.22
C ILE A 39 17.74 -22.14 22.85
N ASP A 40 18.58 -23.15 22.99
CA ASP A 40 19.92 -22.99 23.52
C ASP A 40 20.94 -22.97 22.38
N VAL A 41 22.20 -22.73 22.73
CA VAL A 41 23.26 -22.69 21.74
C VAL A 41 24.60 -23.07 22.38
N LYS A 42 25.39 -23.88 21.66
CA LYS A 42 26.74 -24.23 22.08
C LYS A 42 27.65 -24.32 20.85
N ASP A 43 28.91 -24.69 21.07
CA ASP A 43 29.87 -24.82 19.98
C ASP A 43 30.64 -26.11 20.16
N TRP A 44 30.88 -26.81 19.05
CA TRP A 44 31.63 -28.05 19.04
C TRP A 44 32.66 -28.05 17.93
N PRO A 45 33.88 -28.54 18.21
CA PRO A 45 34.96 -28.64 17.22
C PRO A 45 34.82 -29.88 16.34
N LEU A 56 36.23 -28.06 11.77
CA LEU A 56 34.79 -28.23 11.71
C LEU A 56 34.12 -27.63 12.94
N VAL A 57 33.80 -26.34 12.88
CA VAL A 57 33.12 -25.67 13.99
C VAL A 57 31.62 -25.86 13.85
N LEU A 58 31.02 -26.54 14.82
CA LEU A 58 29.60 -26.88 14.78
C LEU A 58 28.80 -25.91 15.64
N ASN A 59 27.81 -25.27 15.02
CA ASN A 59 26.89 -24.37 15.72
C ASN A 59 25.65 -25.17 16.10
N VAL A 60 25.53 -25.49 17.39
CA VAL A 60 24.39 -26.29 17.84
C VAL A 60 23.29 -25.39 18.37
N TRP A 61 22.06 -25.65 17.95
CA TRP A 61 20.87 -24.95 18.45
C TRP A 61 19.96 -25.99 19.09
N ASP A 62 20.05 -26.10 20.42
CA ASP A 62 19.27 -27.08 21.17
C ASP A 62 17.88 -26.50 21.43
N PHE A 63 16.87 -27.06 20.76
CA PHE A 63 15.50 -26.59 20.92
C PHE A 63 14.90 -27.13 22.22
N ALA A 64 13.70 -26.66 22.52
CA ALA A 64 12.98 -27.09 23.72
C ALA A 64 11.50 -27.31 23.43
N ARG A 66 8.29 -28.15 27.86
CA ARG A 66 6.98 -28.68 27.49
C ARG A 66 6.63 -28.29 26.05
N GLU A 67 5.36 -27.96 25.83
CA GLU A 67 4.92 -27.57 24.49
C GLU A 67 4.20 -26.23 24.53
N GLU A 68 4.96 -25.14 24.50
CA GLU A 68 4.41 -23.81 24.38
C GLU A 68 5.19 -23.03 23.34
N PHE A 69 6.41 -23.51 23.06
CA PHE A 69 7.37 -22.83 22.20
C PHE A 69 7.17 -23.14 20.73
N TYR A 70 6.28 -24.10 20.42
CA TYR A 70 6.06 -24.55 19.06
C TYR A 70 5.64 -23.43 18.13
N SER A 71 4.65 -22.63 18.52
CA SER A 71 4.24 -21.49 17.72
C SER A 71 5.20 -20.31 17.86
N THR A 72 6.04 -20.30 18.89
CA THR A 72 7.01 -19.22 19.05
C THR A 72 8.19 -19.34 18.09
N HIS A 73 8.67 -20.55 17.82
CA HIS A 73 9.81 -20.76 16.92
C HIS A 73 9.53 -21.82 15.86
N PRO A 74 8.51 -21.63 15.01
CA PRO A 74 8.52 -22.34 13.73
C PRO A 74 9.21 -21.51 12.67
N HIS A 75 10.35 -20.92 13.02
CA HIS A 75 11.04 -19.99 12.14
C HIS A 75 12.52 -20.32 12.04
N PHE A 76 13.10 -20.77 13.16
CA PHE A 76 14.55 -20.89 13.29
C PHE A 76 15.00 -22.27 12.80
N MET A 77 14.82 -22.48 11.50
CA MET A 77 15.23 -23.72 10.86
C MET A 77 16.21 -23.53 9.72
N THR A 78 16.18 -22.37 9.04
CA THR A 78 17.03 -22.08 7.89
C THR A 78 17.06 -23.24 6.89
N GLN A 79 18.17 -23.38 6.17
CA GLN A 79 18.34 -24.48 5.23
C GLN A 79 19.65 -25.20 5.46
N ARG A 80 20.70 -24.44 5.82
CA ARG A 80 22.04 -25.00 6.03
C ARG A 80 22.18 -25.45 7.47
N ALA A 81 21.56 -26.60 7.77
CA ALA A 81 21.62 -27.16 9.11
C ALA A 81 21.35 -28.66 9.04
N LEU A 82 21.78 -29.37 10.08
CA LEU A 82 21.56 -30.80 10.22
C LEU A 82 20.63 -31.02 11.41
N TYR A 83 19.58 -31.80 11.20
CA TYR A 83 18.56 -32.03 12.22
C TYR A 83 18.73 -33.41 12.85
N LEU A 84 18.49 -33.47 14.15
CA LEU A 84 18.61 -34.70 14.93
C LEU A 84 17.32 -34.89 15.72
N ALA A 85 16.39 -35.65 15.13
CA ALA A 85 15.08 -35.86 15.74
C ALA A 85 15.15 -36.88 16.87
N VAL A 86 14.54 -36.56 18.01
CA VAL A 86 14.50 -37.48 19.14
C VAL A 86 13.05 -37.76 19.54
N ALA A 98 5.89 -40.43 18.74
CA ALA A 98 6.29 -40.25 17.35
C ALA A 98 5.80 -38.93 16.82
N MET A 99 6.48 -37.85 17.18
CA MET A 99 6.12 -36.50 16.74
C MET A 99 6.44 -36.28 15.30
N LYS A 100 5.39 -35.93 14.56
CA LYS A 100 5.47 -35.72 13.15
C LYS A 100 5.39 -34.25 12.78
N PRO A 101 4.76 -33.43 13.62
CA PRO A 101 4.82 -31.99 13.27
C PRO A 101 6.25 -31.45 13.18
N TRP A 102 7.18 -31.98 13.97
CA TRP A 102 8.57 -31.56 13.85
C TRP A 102 9.10 -31.85 12.46
N LEU A 103 8.91 -33.08 11.98
CA LEU A 103 9.37 -33.45 10.64
C LEU A 103 8.63 -32.66 9.57
N PHE A 104 7.35 -32.35 9.83
CA PHE A 104 6.60 -31.55 8.86
C PHE A 104 7.20 -30.16 8.71
N ASN A 105 7.59 -29.53 9.81
CA ASN A 105 8.23 -28.22 9.74
C ASN A 105 9.62 -28.31 9.12
N ILE A 106 10.36 -29.38 9.42
CA ILE A 106 11.68 -29.55 8.81
C ILE A 106 11.57 -29.70 7.29
N LYS A 107 10.72 -30.59 6.80
CA LYS A 107 10.56 -30.82 5.38
C LYS A 107 9.89 -29.66 4.66
N ALA A 108 9.37 -28.68 5.40
CA ALA A 108 8.79 -27.49 4.81
C ALA A 108 9.72 -26.28 4.84
N ARG A 109 10.69 -26.23 5.76
CA ARG A 109 11.64 -25.14 5.76
C ARG A 109 12.97 -25.55 5.13
N ALA A 110 13.60 -26.60 5.66
CA ALA A 110 14.86 -27.10 5.11
C ALA A 110 14.62 -28.47 4.48
N SER A 111 14.25 -28.44 3.21
CA SER A 111 13.92 -29.68 2.49
C SER A 111 15.12 -30.61 2.41
N SER A 112 16.27 -30.07 2.01
CA SER A 112 17.50 -30.86 1.88
C SER A 112 18.30 -30.73 3.18
N SER A 113 18.02 -31.60 4.14
CA SER A 113 18.71 -31.58 5.41
C SER A 113 18.66 -32.96 6.07
N PRO A 114 19.80 -33.51 6.50
CA PRO A 114 19.80 -34.82 7.16
C PRO A 114 18.95 -34.85 8.42
N VAL A 115 18.26 -35.96 8.67
CA VAL A 115 17.47 -36.14 9.87
C VAL A 115 17.81 -37.47 10.51
N ILE A 116 18.63 -37.44 11.56
CA ILE A 116 19.02 -38.68 12.23
C ILE A 116 18.14 -38.89 13.45
N LEU A 117 17.42 -40.00 13.47
CA LEU A 117 16.57 -40.36 14.61
C LEU A 117 17.40 -41.01 15.71
N VAL A 118 17.07 -40.67 16.95
CA VAL A 118 17.74 -41.24 18.11
C VAL A 118 16.68 -41.68 19.11
N GLY A 119 16.84 -42.90 19.61
CA GLY A 119 15.93 -43.45 20.59
C GLY A 119 16.35 -43.14 22.02
N THR A 120 15.51 -43.58 22.95
CA THR A 120 15.77 -43.37 24.38
C THR A 120 15.15 -44.49 25.21
N ALA A 149 12.83 -38.20 4.46
CA ALA A 149 14.24 -38.10 4.11
C ALA A 149 15.13 -38.45 5.29
N ILE A 150 14.76 -39.52 6.00
CA ILE A 150 15.55 -39.97 7.15
C ILE A 150 16.82 -40.62 6.66
N ARG A 151 17.96 -40.19 7.21
CA ARG A 151 19.25 -40.71 6.79
C ARG A 151 19.71 -41.90 7.64
N ASP A 152 19.42 -41.88 8.94
CA ASP A 152 19.81 -42.97 9.83
C ASP A 152 18.91 -42.92 11.05
N TYR A 153 18.87 -44.04 11.78
CA TYR A 153 18.05 -44.14 12.99
C TYR A 153 18.84 -44.95 14.02
N HIS A 154 19.46 -44.25 14.96
CA HIS A 154 20.23 -44.89 16.02
C HIS A 154 19.39 -45.01 17.28
N PHE A 155 19.98 -45.58 18.32
CA PHE A 155 19.32 -45.77 19.60
C PHE A 155 20.32 -45.57 20.72
N VAL A 156 19.82 -45.28 21.92
CA VAL A 156 20.67 -45.09 23.09
C VAL A 156 20.25 -46.05 24.20
N LEU A 165 26.25 -44.62 21.86
CA LEU A 165 26.57 -43.23 22.16
C LEU A 165 27.66 -42.70 21.24
N ALA A 166 28.89 -43.20 21.43
CA ALA A 166 30.01 -42.77 20.60
C ALA A 166 29.83 -43.20 19.15
N LYS A 167 29.14 -44.30 18.89
CA LYS A 167 28.88 -44.72 17.51
C LYS A 167 28.04 -43.69 16.77
N LEU A 168 27.02 -43.15 17.44
CA LEU A 168 26.19 -42.13 16.83
C LEU A 168 26.95 -40.82 16.63
N ARG A 169 27.97 -40.57 17.46
CA ARG A 169 28.78 -39.36 17.29
C ARG A 169 29.52 -39.38 15.96
N LYS A 170 30.05 -40.54 15.58
CA LYS A 170 30.70 -40.66 14.26
C LYS A 170 29.69 -40.48 13.14
N THR A 171 28.46 -40.95 13.34
CA THR A 171 27.42 -40.77 12.33
C THR A 171 27.11 -39.29 12.12
N ILE A 172 27.07 -38.52 13.21
CA ILE A 172 26.81 -37.09 13.10
C ILE A 172 27.91 -36.40 12.29
N ILE A 173 29.17 -36.75 12.57
CA ILE A 173 30.28 -36.19 11.82
C ILE A 173 30.23 -36.63 10.37
N ASN A 174 29.94 -37.92 10.15
CA ASN A 174 29.84 -38.44 8.79
C ASN A 174 28.68 -37.78 8.04
N GLU A 175 27.53 -37.62 8.70
CA GLU A 175 26.39 -36.97 8.07
C GLU A 175 26.68 -35.51 7.77
N SER A 176 27.35 -34.82 8.70
CA SER A 176 27.67 -33.42 8.50
C SER A 176 28.62 -33.24 7.32
N LEU A 177 29.64 -34.09 7.23
CA LEU A 177 30.57 -34.02 6.11
C LEU A 177 29.87 -34.37 4.80
N ASN A 178 29.00 -35.39 4.83
CA ASN A 178 28.28 -35.77 3.61
C ASN A 178 27.22 -34.74 3.24
N PHE A 179 26.70 -34.01 4.23
CA PHE A 179 25.67 -33.01 3.95
C PHE A 179 26.20 -31.89 3.06
N LYS A 180 27.42 -31.42 3.31
CA LYS A 180 28.00 -30.37 2.47
C LYS A 180 28.15 -30.84 1.03
N ILE A 181 28.62 -32.09 0.85
CA ILE A 181 28.73 -32.65 -0.50
C ILE A 181 27.38 -32.91 -1.13
N ARG A 182 26.40 -33.36 -0.35
CA ARG A 182 25.07 -33.66 -0.90
C ARG A 182 24.30 -32.38 -1.24
N ASP A 183 24.44 -31.34 -0.41
CA ASP A 183 23.73 -30.09 -0.65
C ASP A 183 24.41 -29.27 -1.73
N VAL A 196 33.77 -19.01 -0.52
CA VAL A 196 34.38 -18.14 0.48
C VAL A 196 34.42 -16.70 -0.06
N GLU A 197 34.41 -15.74 0.85
CA GLU A 197 34.37 -14.33 0.48
C GLU A 197 34.93 -13.46 1.60
N LEU A 198 34.65 -12.16 1.54
CA LEU A 198 35.07 -11.23 2.58
C LEU A 198 34.25 -11.37 3.86
N GLU A 199 33.47 -12.45 3.98
CA GLU A 199 32.60 -12.66 5.14
C GLU A 199 33.37 -12.63 6.46
N LYS A 200 34.54 -13.28 6.49
CA LYS A 200 35.23 -13.63 7.73
C LYS A 200 35.62 -12.42 8.58
N ILE A 201 35.70 -11.23 7.99
CA ILE A 201 36.02 -10.03 8.74
C ILE A 201 34.77 -9.42 9.38
N ILE A 202 33.66 -9.37 8.63
CA ILE A 202 32.41 -8.89 9.20
C ILE A 202 31.92 -9.85 10.28
N LEU A 203 32.15 -11.15 10.07
CA LEU A 203 31.79 -12.15 11.07
C LEU A 203 32.52 -11.89 12.39
N SER A 204 33.83 -11.67 12.31
CA SER A 204 34.62 -11.41 13.51
C SER A 204 34.21 -10.09 14.16
N GLU A 205 33.95 -9.07 13.34
CA GLU A 205 33.55 -7.77 13.88
C GLU A 205 32.21 -7.88 14.63
N ARG A 206 31.26 -8.61 14.07
CA ARG A 206 29.96 -8.76 14.70
C ARG A 206 30.04 -9.66 15.93
N LYS A 207 30.93 -10.65 15.92
CA LYS A 207 31.07 -11.54 17.06
C LYS A 207 31.76 -10.86 18.24
N ASN A 208 32.82 -10.09 17.99
CA ASN A 208 33.59 -9.46 19.05
C ASN A 208 33.12 -8.02 19.25
N VAL A 209 31.91 -7.87 19.78
CA VAL A 209 31.37 -6.57 20.15
C VAL A 209 30.27 -6.76 21.20
N PRO A 210 30.62 -6.68 22.49
CA PRO A 210 29.61 -6.90 23.54
C PRO A 210 28.88 -5.65 23.95
N ILE A 211 27.55 -5.74 23.94
CA ILE A 211 26.68 -4.66 24.43
C ILE A 211 25.59 -5.28 25.28
N GLU A 212 25.07 -4.52 26.24
CA GLU A 212 23.88 -4.92 26.99
C GLU A 212 22.67 -4.60 26.13
N PHE A 213 21.69 -5.52 26.13
CA PHE A 213 20.56 -5.46 25.20
C PHE A 213 21.16 -5.46 23.80
N PRO A 214 21.73 -6.60 23.37
CA PRO A 214 22.75 -6.59 22.31
C PRO A 214 22.31 -6.07 20.95
N VAL A 215 21.01 -6.06 20.67
CA VAL A 215 20.55 -5.66 19.34
C VAL A 215 21.01 -4.23 19.04
N ILE A 216 21.45 -4.01 17.80
CA ILE A 216 22.01 -2.74 17.37
C ILE A 216 21.30 -2.29 16.11
N ASP A 217 21.32 -0.98 15.85
CA ASP A 217 20.73 -0.41 14.65
C ASP A 217 21.67 -0.56 13.46
N ARG A 218 21.38 0.15 12.37
CA ARG A 218 22.21 0.11 11.17
C ARG A 218 23.51 0.88 11.41
N LYS A 219 24.41 0.24 12.16
CA LYS A 219 25.68 0.83 12.57
C LYS A 219 26.70 0.60 11.47
N ARG A 220 26.73 1.53 10.50
CA ARG A 220 27.65 1.43 9.37
C ARG A 220 29.06 1.87 9.71
N LEU A 221 29.25 2.61 10.81
CA LEU A 221 30.59 3.06 11.17
C LEU A 221 31.50 1.88 11.55
N LEU A 222 30.92 0.81 12.11
CA LEU A 222 31.69 -0.37 12.46
C LEU A 222 32.33 -1.01 11.24
N GLN A 223 31.70 -0.92 10.08
CA GLN A 223 32.29 -1.41 8.83
C GLN A 223 33.10 -0.35 8.11
N LEU A 224 32.75 0.93 8.27
CA LEU A 224 33.55 2.00 7.68
C LEU A 224 34.94 2.05 8.29
N VAL A 225 35.05 1.84 9.60
CA VAL A 225 36.33 1.88 10.30
C VAL A 225 37.23 0.77 9.77
N ARG A 226 36.68 -0.42 9.61
CA ARG A 226 37.45 -1.56 9.10
C ARG A 226 37.28 -1.72 7.60
N ASN A 235 26.52 -2.53 -2.11
CA ASN A 235 25.72 -3.49 -2.86
C ASN A 235 26.10 -4.92 -2.50
N GLU A 236 26.93 -5.06 -1.47
CA GLU A 236 27.33 -6.40 -1.02
C GLU A 236 27.09 -6.63 0.47
N LEU A 237 26.52 -5.67 1.19
CA LEU A 237 26.24 -5.82 2.61
C LEU A 237 25.02 -6.71 2.86
N PRO A 238 23.90 -6.55 2.11
CA PRO A 238 22.75 -7.45 2.33
C PRO A 238 22.98 -8.84 1.75
N HIS A 239 24.12 -9.03 1.07
CA HIS A 239 24.51 -10.36 0.62
C HIS A 239 25.47 -11.05 1.57
N ALA A 240 26.16 -10.32 2.44
CA ALA A 240 26.97 -10.89 3.50
C ALA A 240 26.22 -11.06 4.81
N VAL A 241 25.34 -10.11 5.14
CA VAL A 241 24.53 -10.24 6.34
C VAL A 241 23.61 -11.45 6.24
N HIS A 242 23.08 -11.71 5.04
CA HIS A 242 22.22 -12.88 4.84
C HIS A 242 23.00 -14.17 5.10
N PHE A 243 24.23 -14.25 4.57
CA PHE A 243 25.04 -15.44 4.79
C PHE A 243 25.38 -15.62 6.27
N LEU A 244 25.71 -14.52 6.95
CA LEU A 244 26.02 -14.61 8.38
C LEU A 244 24.78 -15.02 9.17
N ASN A 245 23.61 -14.51 8.79
CA ASN A 245 22.36 -14.91 9.44
C ASN A 245 22.07 -16.39 9.24
N GLU A 246 22.28 -16.92 8.04
CA GLU A 246 22.10 -18.32 7.75
C GLU A 246 23.23 -19.17 8.35
N SER A 247 24.10 -18.57 9.16
CA SER A 247 25.21 -19.28 9.78
C SER A 247 25.20 -19.22 11.30
N GLY A 248 24.24 -18.52 11.90
CA GLY A 248 24.15 -18.42 13.34
C GLY A 248 24.93 -17.28 13.98
N VAL A 249 25.64 -16.49 13.17
CA VAL A 249 26.40 -15.37 13.72
C VAL A 249 25.46 -14.33 14.32
N LEU A 250 24.39 -13.99 13.59
CA LEU A 250 23.40 -13.03 14.05
C LEU A 250 22.08 -13.34 13.36
N LEU A 251 21.03 -12.63 13.75
CA LEU A 251 19.73 -12.71 13.09
C LEU A 251 19.35 -11.34 12.55
N HIS A 252 19.06 -11.27 11.26
CA HIS A 252 18.56 -10.07 10.61
C HIS A 252 17.27 -10.41 9.90
N PHE A 253 16.15 -9.95 10.46
CA PHE A 253 14.83 -10.21 9.88
C PHE A 253 14.54 -9.10 8.87
N GLN A 254 14.94 -9.33 7.62
CA GLN A 254 14.78 -8.34 6.56
C GLN A 254 13.45 -8.44 5.84
N ASP A 255 12.54 -9.30 6.32
CA ASP A 255 11.23 -9.43 5.71
C ASP A 255 10.48 -8.11 5.80
N PRO A 256 9.92 -7.60 4.70
CA PRO A 256 9.23 -6.29 4.77
C PRO A 256 8.11 -6.23 5.80
N ALA A 257 7.35 -7.32 5.98
CA ALA A 257 6.23 -7.31 6.91
C ALA A 257 6.65 -7.80 8.29
N LEU A 258 7.78 -7.27 8.77
CA LEU A 258 8.19 -7.47 10.14
C LEU A 258 8.67 -6.16 10.76
N GLN A 259 9.07 -5.21 9.91
CA GLN A 259 9.62 -3.92 10.34
C GLN A 259 10.85 -4.07 11.23
N LEU A 260 11.60 -5.16 11.07
CA LEU A 260 12.81 -5.41 11.85
C LEU A 260 14.08 -5.33 11.01
N SER A 261 13.99 -4.76 9.80
CA SER A 261 15.14 -4.73 8.91
C SER A 261 16.24 -3.82 9.45
N ASP A 262 15.87 -2.69 10.05
CA ASP A 262 16.87 -1.71 10.48
C ASP A 262 17.75 -2.24 11.59
N LEU A 263 17.17 -2.96 12.55
CA LEU A 263 17.89 -3.41 13.72
C LEU A 263 18.43 -4.83 13.55
N TYR A 264 19.60 -5.07 14.12
CA TYR A 264 20.34 -6.32 13.96
C TYR A 264 20.59 -6.96 15.32
N PHE A 265 20.12 -8.20 15.49
CA PHE A 265 20.29 -8.93 16.74
C PHE A 265 21.68 -9.55 16.77
N VAL A 266 22.49 -9.16 17.77
CA VAL A 266 23.82 -9.71 17.96
C VAL A 266 23.72 -10.88 18.94
N GLU A 267 24.55 -11.91 18.73
CA GLU A 267 24.64 -13.13 19.55
C GLU A 267 23.25 -13.69 19.79
N PRO A 268 22.68 -14.37 18.79
CA PRO A 268 21.24 -14.69 18.79
C PRO A 268 20.78 -15.57 19.93
N LYS A 269 21.63 -15.93 20.89
CA LYS A 269 21.16 -16.65 22.07
C LYS A 269 20.17 -15.82 22.88
N TRP A 270 20.39 -14.50 22.95
CA TRP A 270 19.56 -13.62 23.77
C TRP A 270 18.14 -13.47 23.24
N LEU A 271 17.95 -13.47 21.92
CA LEU A 271 16.62 -13.32 21.34
C LEU A 271 15.77 -14.58 21.47
N CYS A 272 16.37 -15.70 21.87
CA CYS A 272 15.64 -16.95 22.06
C CYS A 272 15.36 -17.19 23.55
N LYS A 273 15.63 -16.18 24.38
CA LYS A 273 15.38 -16.30 25.81
C LYS A 273 14.52 -15.15 26.32
N ILE A 274 14.67 -13.98 25.71
CA ILE A 274 13.87 -12.81 26.09
C ILE A 274 12.54 -12.76 25.33
N MET A 275 12.42 -13.48 24.22
CA MET A 275 11.23 -13.53 23.40
C MET A 275 10.37 -14.72 23.79
N ALA A 276 10.88 -15.57 24.67
CA ALA A 276 10.22 -16.82 24.98
C ALA A 276 10.04 -17.02 26.48
N GLN A 277 10.17 -15.93 27.25
CA GLN A 277 9.95 -15.98 28.70
C GLN A 277 8.75 -15.14 29.12
N ILE A 278 7.91 -14.73 28.18
CA ILE A 278 6.67 -14.05 28.51
C ILE A 278 5.59 -15.03 28.97
N LEU A 279 5.73 -16.31 28.67
CA LEU A 279 4.76 -17.32 29.07
C LEU A 279 5.24 -18.06 30.31
N LYS A 291 -6.61 -17.27 32.64
CA LYS A 291 -5.36 -18.01 32.56
C LYS A 291 -4.72 -17.84 31.19
N GLY A 292 -3.80 -16.87 31.09
CA GLY A 292 -3.11 -16.61 29.84
C GLY A 292 -3.63 -15.39 29.12
N ILE A 293 -4.15 -14.42 29.88
CA ILE A 293 -4.69 -13.19 29.32
C ILE A 293 -3.92 -12.01 29.91
N ILE A 294 -2.62 -12.23 30.16
CA ILE A 294 -1.80 -11.26 30.87
C ILE A 294 -1.80 -9.91 30.16
N SER A 295 -1.49 -8.86 30.91
CA SER A 295 -1.57 -7.49 30.44
C SER A 295 -0.16 -6.94 30.22
N ARG A 296 -0.07 -5.86 29.43
CA ARG A 296 1.20 -5.21 29.13
C ARG A 296 1.85 -4.67 30.40
N ARG A 297 1.04 -4.27 31.37
CA ARG A 297 1.57 -3.72 32.61
C ARG A 297 2.42 -4.75 33.35
N ASP A 298 1.94 -5.99 33.42
CA ASP A 298 2.72 -7.05 34.05
C ASP A 298 3.98 -7.36 33.24
N VAL A 299 3.88 -7.34 31.90
CA VAL A 299 5.05 -7.58 31.06
C VAL A 299 6.06 -6.45 31.23
N GLU A 300 5.58 -5.22 31.32
CA GLU A 300 6.44 -4.06 31.47
C GLU A 300 7.21 -4.10 32.79
N LYS A 301 6.72 -4.89 33.75
CA LYS A 301 7.38 -5.05 35.04
C LYS A 301 8.42 -6.17 35.03
N PHE A 302 8.92 -6.54 33.85
CA PHE A 302 9.93 -7.59 33.74
C PHE A 302 10.96 -7.22 32.69
N MET A 314 10.89 -1.04 25.38
CA MET A 314 9.80 -2.00 25.39
C MET A 314 8.84 -1.75 24.24
N SER A 315 9.01 -0.61 23.55
CA SER A 315 8.15 -0.31 22.41
C SER A 315 8.34 -1.32 21.29
N GLN A 316 9.60 -1.62 20.95
CA GLN A 316 9.88 -2.64 19.95
C GLN A 316 9.67 -4.05 20.50
N TYR A 317 9.83 -4.23 21.81
CA TYR A 317 9.66 -5.56 22.40
C TYR A 317 8.23 -6.07 22.23
N PHE A 318 7.24 -5.20 22.46
CA PHE A 318 5.86 -5.60 22.24
C PHE A 318 5.59 -5.88 20.76
N LYS A 319 6.10 -5.02 19.87
CA LYS A 319 5.91 -5.24 18.44
C LYS A 319 6.60 -6.51 17.98
N LEU A 320 7.77 -6.81 18.55
CA LEU A 320 8.50 -8.01 18.15
C LEU A 320 7.75 -9.28 18.55
N LEU A 321 7.06 -9.25 19.69
CA LEU A 321 6.36 -10.44 20.17
C LEU A 321 5.21 -10.83 19.24
N GLU A 322 4.40 -9.85 18.82
CA GLU A 322 3.21 -10.15 18.03
C GLU A 322 3.57 -10.64 16.64
N LYS A 323 4.70 -10.18 16.08
CA LYS A 323 5.16 -10.69 14.79
C LYS A 323 5.50 -12.17 14.81
N PHE A 324 5.78 -12.73 15.99
CA PHE A 324 6.12 -14.14 16.09
C PHE A 324 5.00 -14.97 16.69
N GLN A 325 3.77 -14.45 16.71
CA GLN A 325 2.59 -15.17 17.17
C GLN A 325 2.74 -15.60 18.62
N ILE A 326 3.16 -14.66 19.45
CA ILE A 326 3.41 -14.93 20.86
C ILE A 326 2.51 -14.10 21.76
N ALA A 327 2.35 -12.81 21.47
CA ALA A 327 1.50 -11.94 22.27
C ALA A 327 0.67 -11.08 21.33
N LEU A 328 -0.53 -11.53 21.02
CA LEU A 328 -1.40 -10.83 20.09
C LEU A 328 -2.08 -9.65 20.77
N PRO A 329 -2.33 -8.57 20.02
CA PRO A 329 -3.12 -7.46 20.58
C PRO A 329 -4.61 -7.71 20.52
N ILE A 330 -5.23 -7.96 21.68
CA ILE A 330 -6.67 -8.12 21.78
C ILE A 330 -7.32 -6.86 22.33
N GLY A 331 -6.53 -5.86 22.70
CA GLY A 331 -7.05 -4.63 23.26
C GLY A 331 -5.92 -3.83 23.87
N GLU A 332 -6.27 -2.62 24.29
CA GLU A 332 -5.29 -1.73 24.90
C GLU A 332 -4.81 -2.30 26.22
N GLU A 333 -3.48 -2.37 26.38
CA GLU A 333 -2.85 -2.92 27.58
C GLU A 333 -3.24 -4.37 27.80
N TYR A 334 -3.60 -5.06 26.72
CA TYR A 334 -4.00 -6.47 26.78
C TYR A 334 -3.25 -7.25 25.73
N LEU A 335 -2.83 -8.47 26.08
CA LEU A 335 -2.15 -9.38 25.16
C LEU A 335 -2.79 -10.74 25.26
N LEU A 336 -3.17 -11.32 24.11
CA LEU A 336 -3.89 -12.58 24.13
C LEU A 336 -3.00 -13.73 24.57
N VAL A 337 -1.78 -13.79 24.05
CA VAL A 337 -0.81 -14.86 24.34
C VAL A 337 -1.48 -16.20 24.08
N PRO A 338 -1.68 -16.58 22.81
CA PRO A 338 -2.42 -17.84 22.53
C PRO A 338 -1.74 -19.08 23.08
N SER A 339 -0.42 -19.08 23.21
CA SER A 339 0.32 -20.27 23.60
C SER A 339 0.11 -20.61 25.07
N SER A 340 -0.52 -19.71 25.83
CA SER A 340 -0.72 -19.90 27.26
C SER A 340 -2.17 -20.10 27.64
N LEU A 341 -3.07 -20.31 26.68
CA LEU A 341 -4.47 -20.50 27.00
C LEU A 341 -4.70 -21.88 27.60
N SER A 342 -5.92 -22.08 28.12
CA SER A 342 -6.27 -23.33 28.76
C SER A 342 -6.22 -24.50 27.76
N ASP A 343 -5.81 -25.66 28.26
CA ASP A 343 -5.66 -26.86 27.45
C ASP A 343 -6.94 -27.68 27.38
N HIS A 344 -8.09 -27.05 27.67
CA HIS A 344 -9.36 -27.74 27.61
C HIS A 344 -10.47 -26.71 27.45
N ARG A 345 -11.44 -27.03 26.61
CA ARG A 345 -12.58 -26.15 26.35
C ARG A 345 -13.56 -26.19 27.50
N PRO A 346 -14.27 -25.09 27.74
CA PRO A 346 -15.33 -25.11 28.77
C PRO A 346 -16.56 -25.85 28.27
N VAL A 347 -17.63 -25.83 29.06
CA VAL A 347 -18.87 -26.49 28.66
C VAL A 347 -19.72 -25.50 27.89
N ILE A 348 -19.61 -25.53 26.56
CA ILE A 348 -20.43 -24.67 25.71
C ILE A 348 -21.72 -25.40 25.36
N GLU A 349 -22.85 -24.73 25.58
CA GLU A 349 -24.18 -25.27 25.25
C GLU A 349 -24.77 -24.36 24.19
N LEU A 350 -24.65 -24.77 22.92
CA LEU A 350 -25.08 -23.97 21.79
C LEU A 350 -26.59 -23.78 21.83
N PRO A 351 -27.10 -22.66 21.31
CA PRO A 351 -28.56 -22.46 21.31
C PRO A 351 -29.31 -23.53 20.53
N HIS A 352 -28.68 -24.14 19.54
CA HIS A 352 -29.31 -25.16 18.71
C HIS A 352 -28.53 -26.47 18.82
N CYS A 353 -29.24 -27.58 18.97
CA CYS A 353 -28.62 -28.89 19.09
C CYS A 353 -29.14 -29.92 18.10
N GLU A 354 -30.24 -29.65 17.41
CA GLU A 354 -30.78 -30.59 16.44
C GLU A 354 -29.90 -30.64 15.19
N ASN A 355 -29.95 -31.76 14.49
CA ASN A 355 -29.17 -31.93 13.27
C ASN A 355 -29.57 -30.92 12.20
N SER A 356 -30.87 -30.71 12.04
CA SER A 356 -31.37 -29.78 11.04
C SER A 356 -31.11 -28.31 11.39
N GLU A 357 -30.64 -28.03 12.61
CA GLU A 357 -30.44 -26.67 13.07
C GLU A 357 -28.99 -26.21 13.02
N ILE A 358 -28.05 -27.13 12.82
CA ILE A 358 -26.63 -26.80 12.80
C ILE A 358 -26.00 -27.37 11.53
N ILE A 359 -24.89 -26.73 11.12
CA ILE A 359 -24.09 -27.19 9.99
C ILE A 359 -22.68 -27.46 10.50
N ILE A 360 -22.16 -28.65 10.20
CA ILE A 360 -20.86 -29.09 10.71
C ILE A 360 -19.96 -29.44 9.52
N ARG A 361 -18.71 -28.99 9.60
CA ARG A 361 -17.70 -29.37 8.63
C ARG A 361 -16.42 -29.74 9.37
N LEU A 362 -15.81 -30.85 8.99
CA LEU A 362 -14.57 -31.29 9.61
C LEU A 362 -13.37 -31.05 8.69
N TYR A 363 -12.24 -30.76 9.30
CA TYR A 363 -10.95 -30.67 8.61
C TYR A 363 -10.04 -31.72 9.23
N GLU A 364 -9.84 -32.83 8.52
CA GLU A 364 -9.07 -33.95 9.03
C GLU A 364 -7.64 -33.84 8.53
N MET A 365 -6.69 -33.86 9.46
CA MET A 365 -5.27 -33.73 9.16
C MET A 365 -4.52 -34.88 9.80
N PRO A 366 -3.35 -35.26 9.28
CA PRO A 366 -2.51 -36.22 10.03
C PRO A 366 -2.10 -35.66 11.39
N TYR A 367 -1.92 -34.35 11.49
CA TYR A 367 -1.52 -33.69 12.72
C TYR A 367 -1.78 -32.20 12.55
N PHE A 368 -1.83 -31.50 13.68
CA PHE A 368 -1.91 -30.04 13.58
C PHE A 368 -0.53 -29.47 13.33
N PRO A 369 -0.36 -28.66 12.28
CA PRO A 369 0.95 -28.08 11.99
C PRO A 369 1.45 -27.21 13.14
N MET A 370 2.77 -27.19 13.31
CA MET A 370 3.38 -26.41 14.37
C MET A 370 3.07 -24.93 14.20
N GLY A 371 2.30 -24.36 15.12
CA GLY A 371 1.87 -22.99 15.03
C GLY A 371 0.55 -22.77 14.31
N PHE A 372 -0.20 -23.84 14.05
CA PHE A 372 -1.45 -23.71 13.28
C PHE A 372 -2.55 -23.01 14.07
N TRP A 373 -2.75 -23.38 15.34
CA TRP A 373 -3.90 -22.86 16.07
C TRP A 373 -3.73 -21.41 16.50
N SER A 374 -2.53 -21.02 16.91
CA SER A 374 -2.29 -19.60 17.19
C SER A 374 -2.47 -18.76 15.93
N ARG A 375 -1.99 -19.27 14.78
CA ARG A 375 -2.17 -18.60 13.51
C ARG A 375 -3.64 -18.44 13.17
N LEU A 376 -4.43 -19.51 13.36
CA LEU A 376 -5.85 -19.46 13.04
C LEU A 376 -6.59 -18.51 13.98
N ILE A 377 -6.25 -18.52 15.27
CA ILE A 377 -6.88 -17.61 16.22
C ILE A 377 -6.58 -16.17 15.87
N ASN A 378 -5.31 -15.88 15.53
CA ASN A 378 -4.94 -14.54 15.10
C ASN A 378 -5.74 -14.12 13.88
N ARG A 379 -5.87 -15.03 12.91
CA ARG A 379 -6.63 -14.71 11.69
C ARG A 379 -8.08 -14.43 12.01
N LEU A 380 -8.68 -15.24 12.89
CA LEU A 380 -10.12 -15.16 13.12
C LEU A 380 -10.50 -13.96 13.97
N LEU A 381 -9.68 -13.62 14.98
CA LEU A 381 -10.03 -12.48 15.83
C LEU A 381 -9.85 -11.15 15.13
N GLU A 382 -9.07 -11.10 14.06
CA GLU A 382 -8.85 -9.89 13.29
C GLU A 382 -9.99 -9.58 12.33
N ILE A 383 -10.80 -10.56 11.97
CA ILE A 383 -11.85 -10.40 10.97
C ILE A 383 -13.25 -10.44 11.60
N SER A 384 -13.34 -10.79 12.88
CA SER A 384 -14.63 -11.00 13.54
C SER A 384 -15.54 -9.77 13.53
N PRO A 385 -15.01 -8.52 13.62
CA PRO A 385 -15.91 -7.36 13.48
C PRO A 385 -16.66 -7.33 12.15
N TYR A 386 -16.08 -7.88 11.10
CA TYR A 386 -16.60 -7.70 9.74
C TYR A 386 -17.12 -8.99 9.12
N MET A 387 -17.53 -9.98 9.92
CA MET A 387 -17.98 -11.24 9.35
C MET A 387 -19.44 -11.18 8.92
N LEU A 388 -20.24 -10.30 9.52
CA LEU A 388 -21.62 -10.16 9.10
C LEU A 388 -21.82 -8.98 8.16
N SER A 389 -21.28 -7.81 8.53
CA SER A 389 -21.43 -6.62 7.69
C SER A 389 -20.36 -6.57 6.62
N GLY A 390 -19.10 -6.58 7.02
CA GLY A 390 -18.00 -6.52 6.07
C GLY A 390 -17.37 -5.15 5.96
N ALA A 394 -19.86 -3.43 10.93
CA ALA A 394 -18.74 -3.69 11.82
C ALA A 394 -19.19 -3.75 13.27
N LEU A 395 -19.65 -4.93 13.71
CA LEU A 395 -20.10 -5.13 15.08
C LEU A 395 -19.32 -6.28 15.69
N ARG A 396 -18.90 -6.11 16.95
CA ARG A 396 -18.08 -7.08 17.63
C ARG A 396 -18.92 -8.17 18.30
N PRO A 397 -18.55 -9.44 18.10
CA PRO A 397 -19.21 -10.53 18.83
C PRO A 397 -18.52 -10.84 20.16
N ASN A 398 -19.08 -11.78 20.91
CA ASN A 398 -18.38 -12.33 22.07
C ASN A 398 -17.39 -13.37 21.62
N ARG A 399 -16.27 -13.50 22.35
CA ARG A 399 -15.20 -14.40 21.97
C ARG A 399 -14.67 -15.15 23.18
N MET A 400 -14.35 -16.43 22.99
CA MET A 400 -13.71 -17.27 23.99
C MET A 400 -12.53 -18.00 23.36
N TYR A 401 -11.60 -18.43 24.20
CA TYR A 401 -10.35 -19.04 23.72
C TYR A 401 -9.95 -20.18 24.64
N TRP A 402 -9.59 -21.32 24.03
CA TRP A 402 -8.99 -22.42 24.77
C TRP A 402 -7.83 -23.05 24.01
N ARG A 403 -7.08 -22.24 23.27
CA ARG A 403 -5.81 -22.59 22.64
C ARG A 403 -5.98 -23.53 21.47
N GLN A 404 -7.16 -24.13 21.33
CA GLN A 404 -7.44 -25.00 20.19
C GLN A 404 -8.85 -24.75 19.70
N GLY A 405 -9.30 -23.51 19.73
CA GLY A 405 -10.64 -23.16 19.32
C GLY A 405 -11.01 -21.74 19.70
N ILE A 406 -11.97 -21.20 18.96
CA ILE A 406 -12.53 -19.88 19.24
C ILE A 406 -14.04 -19.97 19.07
N TYR A 407 -14.78 -19.33 19.97
CA TYR A 407 -16.23 -19.27 19.89
C TYR A 407 -16.64 -17.83 19.59
N LEU A 408 -17.26 -17.62 18.45
CA LEU A 408 -17.80 -16.31 18.07
C LEU A 408 -19.31 -16.35 18.20
N ASN A 409 -19.88 -15.24 18.68
CA ASN A 409 -21.30 -15.23 19.04
C ASN A 409 -21.83 -13.81 18.87
N TRP A 410 -22.57 -13.58 17.79
CA TRP A 410 -23.29 -12.33 17.60
C TRP A 410 -24.71 -12.38 18.15
N SER A 411 -25.32 -13.56 18.22
CA SER A 411 -26.70 -13.75 18.63
C SER A 411 -26.97 -15.24 18.77
N PRO A 412 -28.08 -15.65 19.37
CA PRO A 412 -28.46 -17.07 19.35
C PRO A 412 -28.78 -17.61 17.97
N GLU A 413 -28.92 -16.75 16.97
CA GLU A 413 -29.17 -17.16 15.59
C GLU A 413 -27.93 -17.07 14.71
N ALA A 414 -26.93 -16.29 15.11
CA ALA A 414 -25.71 -16.11 14.33
C ALA A 414 -24.51 -16.30 15.26
N TYR A 415 -23.88 -17.47 15.18
CA TYR A 415 -22.69 -17.75 15.97
C TYR A 415 -21.75 -18.61 15.13
N CYS A 416 -20.59 -18.94 15.70
CA CYS A 416 -19.63 -19.79 15.01
C CYS A 416 -18.69 -20.44 16.02
N LEU A 417 -18.63 -21.76 16.03
CA LEU A 417 -17.79 -22.51 16.95
C LEU A 417 -16.76 -23.29 16.14
N VAL A 418 -15.51 -22.82 16.16
CA VAL A 418 -14.41 -23.47 15.47
C VAL A 418 -13.54 -24.12 16.53
N GLY A 419 -13.45 -25.44 16.50
CA GLY A 419 -12.68 -26.16 17.50
C GLY A 419 -11.92 -27.34 16.94
N SER A 420 -11.62 -28.33 17.79
CA SER A 420 -10.85 -29.51 17.39
C SER A 420 -11.34 -30.70 18.21
N GLU A 421 -12.12 -31.58 17.58
CA GLU A 421 -12.58 -32.78 18.24
C GLU A 421 -11.49 -33.85 18.23
N VAL A 422 -11.76 -34.94 18.94
CA VAL A 422 -10.85 -36.08 18.97
C VAL A 422 -11.62 -37.35 18.62
N GLU A 428 -6.90 -38.73 12.63
CA GLU A 428 -7.03 -37.94 13.85
C GLU A 428 -6.93 -36.44 13.53
N SER A 429 -6.71 -35.65 14.58
CA SER A 429 -6.52 -34.20 14.45
C SER A 429 -7.57 -33.54 13.56
N PHE A 430 -8.83 -33.60 13.97
CA PHE A 430 -9.93 -32.99 13.23
C PHE A 430 -10.13 -31.56 13.69
N LEU A 431 -10.65 -30.74 12.76
CA LEU A 431 -11.01 -29.36 13.06
C LEU A 431 -12.48 -29.18 12.70
N LYS A 432 -13.31 -28.94 13.71
CA LYS A 432 -14.75 -28.81 13.52
C LYS A 432 -15.16 -27.35 13.44
N ILE A 433 -16.02 -27.04 12.47
CA ILE A 433 -16.65 -25.73 12.35
C ILE A 433 -18.15 -25.94 12.49
N THR A 434 -18.74 -25.35 13.53
CA THR A 434 -20.15 -25.47 13.81
C THR A 434 -20.83 -24.12 13.66
N VAL A 435 -21.84 -24.04 12.80
CA VAL A 435 -22.61 -22.83 12.59
C VAL A 435 -24.09 -23.20 12.59
N PRO A 436 -25.00 -22.29 12.91
CA PRO A 436 -26.43 -22.59 12.79
C PRO A 436 -26.84 -22.74 11.33
N SER A 437 -27.88 -23.55 11.12
CA SER A 437 -28.38 -23.82 9.76
C SER A 437 -29.34 -22.74 9.26
N CYS A 438 -28.90 -21.48 9.27
CA CYS A 438 -29.69 -20.36 8.77
C CYS A 438 -28.84 -19.53 7.81
N ARG A 439 -29.39 -18.38 7.40
CA ARG A 439 -28.70 -17.53 6.43
C ARG A 439 -27.39 -16.99 7.01
N LYS A 440 -27.45 -16.40 8.20
CA LYS A 440 -26.25 -15.88 8.84
C LYS A 440 -25.27 -16.98 9.22
N GLY A 441 -25.77 -18.16 9.55
CA GLY A 441 -24.89 -19.29 9.82
C GLY A 441 -24.13 -19.73 8.58
N CYS A 442 -24.83 -19.78 7.44
CA CYS A 442 -24.16 -20.13 6.18
C CYS A 442 -23.13 -19.08 5.80
N ILE A 443 -23.46 -17.80 6.01
CA ILE A 443 -22.51 -16.72 5.72
C ILE A 443 -21.24 -16.91 6.54
N LEU A 444 -21.40 -17.17 7.83
CA LEU A 444 -20.25 -17.35 8.72
C LEU A 444 -19.46 -18.60 8.33
N LEU A 445 -20.15 -19.69 7.99
CA LEU A 445 -19.44 -20.89 7.55
C LEU A 445 -18.62 -20.62 6.31
N GLY A 446 -19.20 -19.92 5.32
CA GLY A 446 -18.47 -19.62 4.11
C GLY A 446 -17.24 -18.78 4.38
N GLN A 447 -17.38 -17.73 5.19
CA GLN A 447 -16.23 -16.86 5.43
C GLN A 447 -15.18 -17.50 6.34
N VAL A 448 -15.57 -18.41 7.23
CA VAL A 448 -14.58 -19.15 8.01
C VAL A 448 -13.83 -20.13 7.13
N VAL A 449 -14.54 -20.85 6.27
CA VAL A 449 -13.88 -21.80 5.37
C VAL A 449 -12.93 -21.07 4.43
N ASP A 450 -13.35 -19.92 3.89
CA ASP A 450 -12.50 -19.17 2.99
C ASP A 450 -11.23 -18.70 3.69
N HIS A 451 -11.37 -18.20 4.92
CA HIS A 451 -10.21 -17.71 5.65
C HIS A 451 -9.27 -18.85 6.05
N ILE A 452 -9.82 -20.00 6.43
CA ILE A 452 -8.96 -21.14 6.76
C ILE A 452 -8.21 -21.62 5.52
N ASP A 453 -8.91 -21.69 4.38
CA ASP A 453 -8.25 -22.11 3.14
C ASP A 453 -7.14 -21.13 2.75
N SER A 454 -7.43 -19.83 2.86
CA SER A 454 -6.43 -18.82 2.56
C SER A 454 -5.23 -18.93 3.50
N LEU A 455 -5.49 -19.13 4.79
CA LEU A 455 -4.40 -19.26 5.75
C LEU A 455 -3.53 -20.46 5.46
N MET A 456 -4.16 -21.60 5.12
CA MET A 456 -3.39 -22.79 4.79
C MET A 456 -2.57 -22.57 3.53
N GLU A 457 -3.16 -21.93 2.51
CA GLU A 457 -2.42 -21.66 1.28
C GLU A 457 -1.22 -20.77 1.54
N GLU A 458 -1.38 -19.74 2.38
CA GLU A 458 -0.28 -18.81 2.64
C GLU A 458 0.81 -19.46 3.48
N TRP A 459 0.45 -20.15 4.56
CA TRP A 459 1.42 -20.48 5.60
C TRP A 459 1.70 -21.96 5.77
N PHE A 460 0.81 -22.85 5.32
CA PHE A 460 1.02 -24.29 5.48
C PHE A 460 0.84 -25.01 4.15
N PRO A 461 1.75 -24.82 3.19
CA PRO A 461 1.72 -25.61 1.96
C PRO A 461 2.37 -26.97 2.19
N GLY A 462 1.66 -28.03 1.83
CA GLY A 462 2.08 -29.37 2.12
C GLY A 462 0.92 -30.23 2.58
N LEU A 463 -0.09 -29.57 3.15
CA LEU A 463 -1.36 -30.20 3.45
C LEU A 463 -2.30 -30.22 2.26
N LEU A 464 -1.95 -29.53 1.17
CA LEU A 464 -2.81 -29.44 0.01
C LEU A 464 -2.24 -30.25 -1.16
N THR A 474 -3.63 -35.84 -1.15
CA THR A 474 -3.77 -34.66 -0.31
C THR A 474 -3.80 -35.05 1.17
N LEU A 475 -2.98 -34.36 1.96
CA LEU A 475 -2.92 -34.65 3.40
C LEU A 475 -4.15 -34.14 4.13
N LEU A 476 -4.89 -33.20 3.54
CA LEU A 476 -6.06 -32.60 4.16
C LEU A 476 -7.32 -33.21 3.56
N LYS A 477 -8.20 -33.73 4.40
CA LYS A 477 -9.51 -34.19 3.98
C LYS A 477 -10.59 -33.33 4.61
N LYS A 478 -11.55 -32.90 3.79
CA LYS A 478 -12.65 -32.07 4.24
C LYS A 478 -13.94 -32.88 4.12
N TRP A 479 -14.68 -32.98 5.23
CA TRP A 479 -15.92 -33.73 5.27
C TRP A 479 -17.09 -32.81 5.58
N ALA A 480 -18.20 -33.05 4.91
CA ALA A 480 -19.46 -32.35 5.17
C ALA A 480 -20.40 -33.31 5.88
N LEU A 481 -20.89 -32.91 7.05
CA LEU A 481 -21.74 -33.76 7.86
C LEU A 481 -23.21 -33.49 7.54
N TYR A 482 -23.99 -34.56 7.40
CA TYR A 482 -25.38 -34.45 7.04
C TYR A 482 -26.15 -35.60 7.67
N SER A 483 -27.47 -35.43 7.73
CA SER A 483 -28.37 -36.48 8.20
C SER A 483 -29.74 -36.24 7.58
N PHE A 484 -30.39 -37.33 7.16
CA PHE A 484 -31.69 -37.22 6.52
C PHE A 484 -32.82 -36.98 7.51
N ASN A 485 -32.73 -37.58 8.70
CA ASN A 485 -33.74 -37.43 9.74
C ASN A 485 -33.08 -36.94 11.02
N ASP A 486 -33.81 -36.11 11.77
CA ASP A 486 -33.30 -35.62 13.04
C ASP A 486 -33.26 -36.75 14.06
N GLY A 487 -32.18 -36.78 14.85
CA GLY A 487 -32.02 -37.76 15.90
C GLY A 487 -31.11 -38.92 15.57
N GLU A 488 -30.79 -39.14 14.30
CA GLU A 488 -29.90 -40.23 13.92
C GLU A 488 -28.47 -39.74 13.84
N GLU A 489 -27.54 -40.70 13.83
CA GLU A 489 -26.12 -40.38 13.85
C GLU A 489 -25.70 -39.65 12.57
N HIS A 490 -24.77 -38.71 12.72
CA HIS A 490 -24.26 -37.97 11.58
C HIS A 490 -23.41 -38.86 10.69
N GLN A 491 -23.65 -38.78 9.38
CA GLN A 491 -22.80 -39.42 8.38
C GLN A 491 -22.19 -38.34 7.48
N LYS A 492 -20.97 -38.60 7.04
CA LYS A 492 -20.16 -37.60 6.37
C LYS A 492 -19.85 -38.00 4.94
N ILE A 493 -19.71 -36.99 4.09
CA ILE A 493 -19.33 -37.17 2.69
C ILE A 493 -18.13 -36.28 2.40
N LEU A 494 -17.19 -36.79 1.60
CA LEU A 494 -16.01 -36.02 1.25
C LEU A 494 -16.42 -34.80 0.44
N LEU A 495 -15.75 -33.66 0.71
CA LEU A 495 -16.14 -32.41 0.08
C LEU A 495 -15.94 -32.44 -1.43
N ASP A 496 -14.95 -33.18 -1.92
CA ASP A 496 -14.75 -33.31 -3.35
C ASP A 496 -15.91 -34.04 -4.01
N ASP A 497 -16.37 -35.14 -3.40
CA ASP A 497 -17.51 -35.88 -3.92
C ASP A 497 -18.77 -35.03 -3.87
N LEU A 498 -18.94 -34.26 -2.80
CA LEU A 498 -20.10 -33.37 -2.70
C LEU A 498 -20.06 -32.29 -3.76
N MET A 499 -18.87 -31.77 -4.07
CA MET A 499 -18.74 -30.80 -5.15
C MET A 499 -19.06 -31.43 -6.50
N LYS A 500 -18.63 -32.68 -6.71
CA LYS A 500 -18.97 -33.39 -7.93
C LYS A 500 -20.48 -33.54 -8.07
N LYS A 501 -21.15 -33.93 -6.99
CA LYS A 501 -22.60 -34.07 -7.01
C LYS A 501 -23.30 -32.73 -7.19
N ALA A 502 -22.75 -31.64 -6.65
CA ALA A 502 -23.31 -30.32 -6.81
C ALA A 502 -23.08 -29.73 -8.19
N GLU A 503 -22.10 -30.24 -8.93
CA GLU A 503 -21.87 -29.80 -10.30
C GLU A 503 -22.98 -30.18 -11.26
N GLU A 504 -23.83 -31.15 -10.89
CA GLU A 504 -24.97 -31.53 -11.72
C GLU A 504 -26.23 -31.63 -10.86
N GLY A 505 -26.46 -30.63 -10.02
CA GLY A 505 -27.65 -30.60 -9.19
C GLY A 505 -27.45 -29.86 -7.88
N ASP A 506 -28.54 -29.52 -7.20
CA ASP A 506 -28.49 -28.81 -5.93
C ASP A 506 -29.28 -29.57 -4.87
N LEU A 507 -29.23 -30.90 -4.94
CA LEU A 507 -29.95 -31.75 -3.99
C LEU A 507 -29.20 -33.07 -3.87
N LEU A 508 -29.14 -33.59 -2.65
CA LEU A 508 -28.44 -34.84 -2.35
C LEU A 508 -29.48 -35.95 -2.28
N VAL A 509 -29.27 -37.01 -3.06
CA VAL A 509 -30.20 -38.13 -3.12
C VAL A 509 -29.71 -39.23 -2.20
N ASN A 510 -30.62 -39.77 -1.39
CA ASN A 510 -30.29 -40.84 -0.45
C ASN A 510 -29.91 -42.09 -1.23
N ILE A 518 -33.40 -32.73 1.41
CA ILE A 518 -32.04 -32.52 1.90
C ILE A 518 -31.20 -31.83 0.81
N PRO A 519 -31.40 -30.52 0.65
CA PRO A 519 -30.64 -29.78 -0.35
C PRO A 519 -29.18 -29.63 0.05
N ILE A 520 -28.32 -29.44 -0.96
CA ILE A 520 -26.91 -29.19 -0.71
C ILE A 520 -26.71 -27.83 -0.04
N SER A 521 -27.65 -26.89 -0.23
CA SER A 521 -27.57 -25.59 0.41
C SER A 521 -27.66 -25.66 1.93
N GLN A 522 -28.10 -26.79 2.48
CA GLN A 522 -28.16 -26.99 3.92
C GLN A 522 -26.98 -27.79 4.45
N ILE A 523 -26.26 -28.49 3.58
CA ILE A 523 -25.11 -29.29 3.97
C ILE A 523 -23.80 -28.52 3.77
N ALA A 524 -23.57 -28.02 2.56
CA ALA A 524 -22.38 -27.23 2.26
C ALA A 524 -22.79 -26.04 1.41
N PRO A 525 -23.31 -24.99 2.05
CA PRO A 525 -23.83 -23.84 1.26
C PRO A 525 -22.77 -23.13 0.44
N ASP A 526 -21.49 -23.26 0.77
CA ASP A 526 -20.46 -22.51 0.05
C ASP A 526 -20.07 -23.15 -1.27
N LEU A 527 -20.44 -24.42 -1.50
CA LEU A 527 -20.16 -25.04 -2.79
C LEU A 527 -21.04 -24.47 -3.89
N ILE A 528 -22.30 -24.15 -3.57
CA ILE A 528 -23.22 -23.59 -4.54
C ILE A 528 -23.36 -22.08 -4.38
N LEU A 529 -22.45 -21.45 -3.63
CA LEU A 529 -22.46 -20.01 -3.38
C LEU A 529 -23.77 -19.57 -2.74
N ALA A 530 -24.32 -20.43 -1.88
CA ALA A 530 -25.55 -20.10 -1.17
C ALA A 530 -25.32 -19.14 -0.02
N ASP A 531 -24.07 -19.00 0.46
CA ASP A 531 -23.77 -18.08 1.53
C ASP A 531 -23.57 -16.64 1.05
N LEU A 532 -23.39 -16.44 -0.24
CA LEU A 532 -23.21 -15.11 -0.80
C LEU A 532 -24.56 -14.44 -1.03
N PRO A 533 -24.58 -13.10 -1.17
CA PRO A 533 -25.83 -12.39 -1.41
C PRO A 533 -26.68 -12.99 -2.53
N ARG A 534 -27.99 -12.95 -2.38
CA ARG A 534 -28.88 -13.57 -3.35
C ARG A 534 -29.08 -12.72 -4.60
N ASN A 535 -28.66 -11.45 -4.57
CA ASN A 535 -28.84 -10.60 -5.73
C ASN A 535 -27.76 -10.81 -6.79
N ILE A 536 -26.77 -11.64 -6.52
CA ILE A 536 -25.68 -11.88 -7.46
C ILE A 536 -25.70 -13.34 -7.92
N MET A 537 -26.87 -13.96 -7.89
CA MET A 537 -27.05 -15.32 -8.37
C MET A 537 -27.31 -15.29 -9.87
N LEU A 538 -26.73 -16.25 -10.58
CA LEU A 538 -26.75 -16.27 -12.04
C LEU A 538 -28.03 -16.96 -12.51
N ASN A 539 -28.93 -16.18 -13.11
CA ASN A 539 -30.08 -16.75 -13.81
C ASN A 539 -29.62 -17.19 -15.20
N ASN A 540 -29.37 -18.49 -15.36
CA ASN A 540 -28.72 -19.01 -16.56
C ASN A 540 -29.61 -18.86 -17.79
N ASP A 541 -30.90 -18.57 -17.59
CA ASP A 541 -31.82 -18.37 -18.70
C ASP A 541 -31.76 -16.97 -19.27
N GLU A 542 -31.12 -16.02 -18.58
CA GLU A 542 -30.98 -14.65 -19.06
C GLU A 542 -29.60 -14.36 -19.62
N LEU A 543 -28.79 -15.40 -19.85
CA LEU A 543 -27.41 -15.24 -20.31
C LEU A 543 -27.30 -15.69 -21.75
N GLU A 544 -26.79 -14.81 -22.61
CA GLU A 544 -26.51 -15.13 -24.01
C GLU A 544 -24.99 -15.05 -24.19
N PHE A 545 -24.34 -16.19 -24.01
CA PHE A 545 -22.88 -16.26 -23.96
C PHE A 545 -22.39 -17.23 -25.03
N GLU A 546 -21.50 -16.75 -25.91
CA GLU A 546 -21.05 -17.52 -27.06
C GLU A 546 -19.70 -18.20 -26.81
N GLN A 547 -18.76 -17.48 -26.21
CA GLN A 547 -17.39 -17.93 -26.01
C GLN A 547 -16.70 -18.20 -27.35
N ALA A 548 -16.87 -17.28 -28.30
CA ALA A 548 -16.19 -17.38 -29.59
C ALA A 548 -14.83 -16.70 -29.53
N PRO A 549 -13.87 -17.12 -30.36
CA PRO A 549 -12.54 -16.48 -30.34
C PRO A 549 -12.58 -15.00 -30.70
N GLU A 550 -13.60 -14.58 -31.44
CA GLU A 550 -13.76 -13.17 -31.79
C GLU A 550 -14.53 -12.38 -30.74
N PHE A 551 -15.12 -13.05 -29.75
CA PHE A 551 -15.76 -12.38 -28.63
C PHE A 551 -14.82 -12.20 -27.44
N LEU A 552 -13.56 -12.59 -27.58
CA LEU A 552 -12.60 -12.47 -26.49
C LEU A 552 -12.35 -11.00 -26.14
N LEU A 553 -12.27 -10.72 -24.84
CA LEU A 553 -11.91 -9.40 -24.33
C LEU A 553 -10.51 -9.34 -23.77
N GLY A 554 -10.08 -10.40 -23.09
CA GLY A 554 -8.73 -10.45 -22.56
C GLY A 554 -8.52 -11.78 -21.85
N ASP A 555 -7.27 -12.01 -21.47
CA ASP A 555 -6.88 -13.22 -20.74
C ASP A 555 -6.68 -12.86 -19.28
N GLY A 556 -7.51 -13.43 -18.42
CA GLY A 556 -7.41 -13.17 -16.99
C GLY A 556 -6.27 -13.94 -16.35
N SER A 557 -6.23 -13.87 -15.02
CA SER A 557 -5.21 -14.58 -14.27
C SER A 557 -5.33 -16.08 -14.47
N PHE A 558 -6.46 -16.65 -14.09
CA PHE A 558 -6.71 -18.08 -14.25
C PHE A 558 -7.90 -18.37 -15.18
N GLY A 559 -8.44 -17.34 -15.83
CA GLY A 559 -9.58 -17.54 -16.70
C GLY A 559 -9.47 -16.80 -18.01
N SER A 560 -10.61 -16.35 -18.55
CA SER A 560 -10.63 -15.66 -19.83
C SER A 560 -11.92 -14.87 -19.93
N VAL A 561 -11.81 -13.56 -20.15
CA VAL A 561 -12.98 -12.69 -20.20
C VAL A 561 -13.50 -12.63 -21.63
N TYR A 562 -14.82 -12.72 -21.78
CA TYR A 562 -15.46 -12.73 -23.08
C TYR A 562 -16.59 -11.70 -23.10
N ARG A 563 -16.94 -11.28 -24.31
CA ARG A 563 -18.05 -10.36 -24.52
C ARG A 563 -19.35 -11.16 -24.62
N ALA A 564 -20.31 -10.85 -23.77
CA ALA A 564 -21.58 -11.56 -23.77
C ALA A 564 -22.74 -10.62 -23.45
N ALA A 565 -23.93 -11.18 -23.24
CA ALA A 565 -25.11 -10.38 -22.92
C ALA A 565 -25.87 -11.08 -21.80
N TYR A 566 -26.15 -10.35 -20.73
CA TYR A 566 -26.88 -10.87 -19.58
C TYR A 566 -27.98 -9.88 -19.23
N GLU A 567 -29.21 -10.38 -19.15
CA GLU A 567 -30.39 -9.56 -18.86
C GLU A 567 -30.54 -8.43 -19.88
N GLY A 568 -30.25 -8.70 -21.14
CA GLY A 568 -30.42 -7.70 -22.18
C GLY A 568 -29.45 -6.55 -22.12
N GLU A 569 -28.27 -6.76 -21.53
CA GLU A 569 -27.27 -5.71 -21.39
C GLU A 569 -25.91 -6.26 -21.83
N GLU A 570 -25.04 -5.35 -22.24
CA GLU A 570 -23.69 -5.70 -22.67
C GLU A 570 -22.80 -5.86 -21.44
N VAL A 571 -22.32 -7.08 -21.23
CA VAL A 571 -21.55 -7.42 -20.04
C VAL A 571 -20.30 -8.20 -20.46
N ALA A 572 -19.44 -8.48 -19.49
CA ALA A 572 -18.25 -9.28 -19.69
C ALA A 572 -18.32 -10.51 -18.79
N VAL A 573 -17.99 -11.67 -19.35
CA VAL A 573 -18.08 -12.95 -18.65
C VAL A 573 -16.69 -13.56 -18.59
N LYS A 574 -16.28 -13.95 -17.38
CA LYS A 574 -15.00 -14.62 -17.16
C LYS A 574 -15.22 -16.12 -17.03
N ILE A 575 -14.47 -16.89 -17.80
CA ILE A 575 -14.59 -18.34 -17.82
C ILE A 575 -13.27 -18.93 -17.35
N PHE A 576 -13.32 -19.72 -16.29
CA PHE A 576 -12.12 -20.39 -15.79
C PHE A 576 -11.79 -21.60 -16.67
N ASN A 577 -10.52 -21.75 -16.97
CA ASN A 577 -10.12 -22.80 -17.85
C ASN A 577 -9.96 -24.19 -17.31
N LYS A 578 -10.78 -25.06 -17.87
CA LYS A 578 -10.86 -26.49 -17.54
C LYS A 578 -10.36 -27.20 -16.28
N HIS A 579 -9.15 -26.90 -15.85
CA HIS A 579 -8.61 -27.60 -14.70
C HIS A 579 -8.51 -26.70 -13.50
N THR A 580 -9.60 -26.03 -13.19
CA THR A 580 -9.60 -25.12 -12.09
C THR A 580 -10.54 -25.64 -11.01
N SER A 581 -10.44 -25.09 -9.83
CA SER A 581 -11.25 -25.51 -8.71
C SER A 581 -12.20 -24.39 -8.31
N LEU A 582 -13.03 -24.65 -7.30
CA LEU A 582 -13.92 -23.64 -6.74
C LEU A 582 -13.17 -22.61 -5.91
N ARG A 583 -11.93 -22.91 -5.51
CA ARG A 583 -11.14 -22.00 -4.68
C ARG A 583 -10.82 -20.69 -5.38
N LEU A 584 -10.46 -20.72 -6.66
CA LEU A 584 -10.15 -19.49 -7.39
C LEU A 584 -11.40 -18.62 -7.54
N LEU A 585 -12.52 -19.26 -7.92
CA LEU A 585 -13.79 -18.55 -7.97
C LEU A 585 -14.13 -17.93 -6.63
N ARG A 586 -13.93 -18.66 -5.54
CA ARG A 586 -14.30 -18.16 -4.23
C ARG A 586 -13.38 -17.02 -3.81
N GLN A 587 -12.10 -17.07 -4.17
CA GLN A 587 -11.20 -15.96 -3.86
C GLN A 587 -11.61 -14.69 -4.59
N GLU A 588 -11.82 -14.79 -5.90
CA GLU A 588 -12.21 -13.60 -6.65
C GLU A 588 -13.59 -13.13 -6.22
N LEU A 589 -14.44 -14.03 -5.71
CA LEU A 589 -15.73 -13.63 -5.18
C LEU A 589 -15.60 -12.95 -3.82
N VAL A 590 -14.64 -13.38 -3.00
CA VAL A 590 -14.33 -12.66 -1.77
C VAL A 590 -13.98 -11.22 -2.10
N VAL A 591 -13.17 -11.02 -3.14
CA VAL A 591 -12.79 -9.66 -3.49
C VAL A 591 -13.98 -8.89 -4.07
N LEU A 592 -14.77 -9.53 -4.95
CA LEU A 592 -15.79 -8.83 -5.73
C LEU A 592 -17.11 -8.64 -5.00
N CYS A 593 -17.39 -9.40 -3.93
CA CYS A 593 -18.71 -9.41 -3.33
C CYS A 593 -18.89 -8.42 -2.20
N HIS A 594 -17.87 -8.24 -1.35
CA HIS A 594 -18.02 -7.46 -0.14
C HIS A 594 -17.43 -6.05 -0.25
N LEU A 595 -16.73 -5.74 -1.33
CA LEU A 595 -16.14 -4.43 -1.54
C LEU A 595 -16.81 -3.75 -2.72
N HIS A 596 -17.39 -2.59 -2.47
CA HIS A 596 -18.02 -1.77 -3.52
C HIS A 596 -17.39 -0.39 -3.49
N HIS A 597 -16.69 -0.04 -4.55
CA HIS A 597 -16.01 1.25 -4.65
C HIS A 597 -16.14 1.74 -6.08
N PRO A 598 -16.20 3.06 -6.29
CA PRO A 598 -16.34 3.58 -7.66
C PRO A 598 -15.10 3.37 -8.51
N SER A 599 -14.04 2.79 -7.93
CA SER A 599 -12.83 2.49 -8.69
C SER A 599 -12.53 0.99 -8.75
N LEU A 600 -13.49 0.14 -8.39
CA LEU A 600 -13.35 -1.30 -8.44
C LEU A 600 -14.42 -1.86 -9.36
N ILE A 601 -14.06 -2.87 -10.15
CA ILE A 601 -15.00 -3.44 -11.09
C ILE A 601 -16.17 -4.05 -10.32
N SER A 602 -17.38 -3.88 -10.84
CA SER A 602 -18.60 -4.28 -10.16
C SER A 602 -19.09 -5.63 -10.68
N LEU A 603 -19.58 -6.46 -9.77
CA LEU A 603 -20.11 -7.77 -10.14
C LEU A 603 -21.63 -7.69 -10.36
N LEU A 604 -22.11 -8.42 -11.37
CA LEU A 604 -23.54 -8.55 -11.63
C LEU A 604 -24.09 -9.93 -11.33
N ALA A 605 -23.31 -10.99 -11.54
CA ALA A 605 -23.80 -12.35 -11.30
C ALA A 605 -22.65 -13.33 -11.14
N ALA A 606 -22.95 -14.52 -10.63
CA ALA A 606 -21.95 -15.57 -10.44
C ALA A 606 -22.65 -16.91 -10.41
N GLY A 607 -22.04 -17.92 -11.03
CA GLY A 607 -22.61 -19.24 -11.06
C GLY A 607 -21.53 -20.29 -10.86
N ILE A 608 -21.97 -21.53 -10.66
CA ILE A 608 -21.05 -22.64 -10.47
C ILE A 608 -21.15 -23.68 -11.58
N ARG A 609 -22.32 -23.88 -12.20
CA ARG A 609 -22.45 -24.94 -13.19
C ARG A 609 -21.58 -24.68 -14.42
N PRO A 610 -21.59 -23.47 -15.03
CA PRO A 610 -20.50 -23.16 -15.97
C PRO A 610 -19.32 -22.54 -15.24
N ARG A 611 -19.55 -22.09 -14.01
CA ARG A 611 -18.54 -21.41 -13.19
C ARG A 611 -17.99 -20.16 -13.85
N MET A 612 -18.84 -19.16 -14.05
CA MET A 612 -18.41 -17.90 -14.66
C MET A 612 -18.55 -16.76 -13.66
N LEU A 613 -18.08 -15.59 -14.07
CA LEU A 613 -18.26 -14.33 -13.33
C LEU A 613 -18.68 -13.25 -14.33
N VAL A 614 -19.94 -12.84 -14.26
CA VAL A 614 -20.44 -11.73 -15.05
C VAL A 614 -20.23 -10.45 -14.25
N MET A 615 -19.40 -9.54 -14.74
CA MET A 615 -19.14 -8.36 -13.94
C MET A 615 -19.68 -7.07 -14.56
N GLU A 616 -19.13 -6.65 -15.70
CA GLU A 616 -19.63 -5.53 -16.49
C GLU A 616 -18.72 -5.26 -17.67
N LEU A 617 -19.14 -4.41 -18.59
CA LEU A 617 -18.36 -4.08 -19.79
C LEU A 617 -17.76 -2.70 -19.63
N ALA A 618 -16.43 -2.61 -19.73
CA ALA A 618 -15.75 -1.33 -19.77
C ALA A 618 -15.92 -0.73 -21.17
N SER A 619 -16.51 0.46 -21.24
CA SER A 619 -16.92 1.04 -22.51
C SER A 619 -15.74 1.38 -23.42
N LYS A 620 -14.53 1.46 -22.85
CA LYS A 620 -13.38 1.91 -23.63
C LYS A 620 -12.18 0.97 -23.55
N GLY A 621 -12.32 -0.21 -22.98
CA GLY A 621 -11.25 -1.19 -22.97
C GLY A 621 -10.26 -0.98 -21.84
N SER A 622 -9.13 -1.64 -21.98
CA SER A 622 -8.07 -1.61 -20.97
C SER A 622 -7.12 -0.44 -21.23
N LEU A 623 -6.31 -0.14 -20.21
CA LEU A 623 -5.36 0.96 -20.32
C LEU A 623 -4.20 0.62 -21.26
N ASP A 624 -3.84 -0.65 -21.38
CA ASP A 624 -2.74 -1.04 -22.27
C ASP A 624 -3.06 -0.70 -23.72
N ARG A 625 -4.29 -0.99 -24.16
CA ARG A 625 -4.67 -0.68 -25.53
C ARG A 625 -4.63 0.82 -25.79
N LEU A 626 -5.06 1.63 -24.82
CA LEU A 626 -4.98 3.08 -24.96
C LEU A 626 -3.52 3.53 -25.02
N LEU A 627 -2.66 2.92 -24.20
CA LEU A 627 -1.26 3.31 -24.17
C LEU A 627 -0.54 2.97 -25.48
N GLN A 628 -0.84 1.82 -26.07
CA GLN A 628 -0.10 1.36 -27.25
C GLN A 628 -0.75 1.75 -28.56
N GLN A 629 -2.04 2.07 -28.58
CA GLN A 629 -2.69 2.38 -29.84
C GLN A 629 -3.20 3.81 -29.93
N ASP A 630 -4.01 4.25 -28.97
CA ASP A 630 -4.58 5.60 -29.01
C ASP A 630 -3.77 6.55 -28.15
N LYS A 631 -2.55 6.86 -28.58
CA LYS A 631 -1.65 7.74 -27.85
C LYS A 631 -2.11 9.19 -27.84
N ALA A 632 -2.98 9.60 -28.78
CA ALA A 632 -3.35 11.00 -28.90
C ALA A 632 -4.38 11.44 -27.86
N SER A 633 -5.29 10.54 -27.48
CA SER A 633 -6.35 10.92 -26.55
C SER A 633 -5.87 11.06 -25.11
N LEU A 634 -4.64 10.63 -24.82
CA LEU A 634 -4.09 10.76 -23.47
C LEU A 634 -3.69 12.20 -23.18
N THR A 635 -4.64 13.00 -22.71
CA THR A 635 -4.34 14.35 -22.27
C THR A 635 -3.79 14.29 -20.84
N ARG A 636 -3.15 15.39 -20.42
CA ARG A 636 -2.56 15.47 -19.09
C ARG A 636 -3.61 15.33 -18.00
N THR A 637 -4.72 16.05 -18.13
CA THR A 637 -5.78 16.00 -17.13
C THR A 637 -6.58 14.71 -17.19
N LEU A 638 -6.48 13.95 -18.28
CA LEU A 638 -7.10 12.62 -18.33
C LEU A 638 -6.22 11.56 -17.69
N GLN A 639 -4.92 11.61 -17.96
CA GLN A 639 -4.03 10.64 -17.34
C GLN A 639 -3.85 10.90 -15.84
N HIS A 640 -3.97 12.16 -15.42
CA HIS A 640 -3.99 12.42 -13.98
C HIS A 640 -5.19 11.77 -13.31
N ARG A 641 -6.38 11.86 -13.91
CA ARG A 641 -7.55 11.18 -13.37
C ARG A 641 -7.38 9.67 -13.42
N ILE A 642 -6.77 9.14 -14.49
CA ILE A 642 -6.53 7.70 -14.56
C ILE A 642 -5.67 7.25 -13.38
N ALA A 643 -4.58 7.96 -13.09
CA ALA A 643 -3.76 7.65 -11.93
C ALA A 643 -4.50 7.81 -10.60
N LEU A 644 -5.26 8.89 -10.45
CA LEU A 644 -5.98 9.15 -9.21
C LEU A 644 -7.03 8.09 -8.91
N HIS A 645 -7.76 7.63 -9.93
CA HIS A 645 -8.78 6.61 -9.74
C HIS A 645 -8.18 5.25 -9.36
N VAL A 646 -7.04 4.90 -9.93
CA VAL A 646 -6.33 3.69 -9.52
C VAL A 646 -5.78 3.79 -8.10
N ALA A 647 -5.20 4.95 -7.73
CA ALA A 647 -4.76 5.15 -6.36
C ALA A 647 -5.90 5.07 -5.35
N ASP A 648 -7.07 5.64 -5.69
CA ASP A 648 -8.25 5.53 -4.83
C ASP A 648 -8.72 4.09 -4.67
N GLY A 649 -8.70 3.30 -5.74
CA GLY A 649 -9.07 1.91 -5.66
C GLY A 649 -8.10 1.11 -4.81
N LEU A 650 -6.80 1.37 -4.97
CA LEU A 650 -5.80 0.73 -4.12
C LEU A 650 -5.95 1.10 -2.65
N ARG A 651 -6.24 2.37 -2.36
CA ARG A 651 -6.46 2.78 -0.98
C ARG A 651 -7.60 2.00 -0.35
N TYR A 652 -8.73 1.89 -1.04
CA TYR A 652 -9.86 1.15 -0.52
C TYR A 652 -9.58 -0.35 -0.41
N LEU A 653 -8.86 -0.92 -1.37
CA LEU A 653 -8.50 -2.33 -1.29
C LEU A 653 -7.61 -2.61 -0.09
N HIS A 654 -6.65 -1.71 0.17
CA HIS A 654 -5.76 -1.90 1.31
C HIS A 654 -6.48 -1.67 2.64
N SER A 655 -7.43 -0.74 2.68
CA SER A 655 -8.19 -0.50 3.90
C SER A 655 -9.06 -1.68 4.31
N ALA A 656 -9.30 -2.63 3.39
CA ALA A 656 -10.09 -3.82 3.66
C ALA A 656 -9.20 -5.07 3.72
N MET A 657 -7.95 -4.88 4.15
CA MET A 657 -6.94 -5.92 4.32
C MET A 657 -6.84 -6.85 3.11
N ILE A 658 -6.78 -6.26 1.92
CA ILE A 658 -6.60 -7.01 0.68
C ILE A 658 -5.38 -6.47 -0.04
N ILE A 659 -4.55 -7.38 -0.53
CA ILE A 659 -3.38 -7.03 -1.34
C ILE A 659 -3.65 -7.47 -2.77
N TYR A 660 -3.40 -6.57 -3.72
CA TYR A 660 -3.73 -6.86 -5.12
C TYR A 660 -2.64 -7.67 -5.80
N ARG A 661 -1.37 -7.39 -5.47
CA ARG A 661 -0.22 -8.21 -5.84
C ARG A 661 0.13 -8.16 -7.34
N ASP A 662 -0.71 -7.51 -8.15
CA ASP A 662 -0.36 -7.29 -9.55
C ASP A 662 -1.14 -6.12 -10.15
N LEU A 663 -0.44 -5.01 -10.36
CA LEU A 663 -1.04 -3.83 -10.97
C LEU A 663 -0.35 -3.58 -12.30
N LYS A 664 -1.14 -3.47 -13.36
CA LYS A 664 -0.62 -3.34 -14.72
C LYS A 664 -1.65 -2.60 -15.56
N PRO A 665 -1.23 -2.00 -16.67
CA PRO A 665 -2.21 -1.35 -17.55
C PRO A 665 -3.26 -2.32 -18.10
N HIS A 666 -2.91 -3.60 -18.24
N HIS A 666 -2.91 -3.60 -18.23
CA HIS A 666 -3.87 -4.59 -18.70
CA HIS A 666 -3.87 -4.59 -18.71
C HIS A 666 -5.03 -4.73 -17.73
C HIS A 666 -5.03 -4.74 -17.73
N ASN A 667 -4.74 -4.73 -16.43
CA ASN A 667 -5.77 -4.91 -15.41
C ASN A 667 -6.50 -3.62 -15.08
N VAL A 668 -6.12 -2.49 -15.67
CA VAL A 668 -6.80 -1.21 -15.46
C VAL A 668 -7.76 -1.02 -16.62
N LEU A 669 -9.04 -0.85 -16.30
CA LEU A 669 -10.09 -0.72 -17.31
C LEU A 669 -10.57 0.72 -17.40
N LEU A 670 -10.87 1.14 -18.62
CA LEU A 670 -11.32 2.50 -18.90
C LEU A 670 -12.79 2.48 -19.32
N PHE A 671 -13.59 3.35 -18.70
CA PHE A 671 -15.01 3.43 -18.99
C PHE A 671 -15.37 4.65 -19.81
N THR A 672 -14.55 5.69 -19.78
CA THR A 672 -14.77 6.86 -20.62
C THR A 672 -13.43 7.58 -20.78
N LEU A 673 -13.33 8.36 -21.85
CA LEU A 673 -12.16 9.20 -22.12
C LEU A 673 -12.49 10.67 -21.95
N TYR A 674 -13.60 10.97 -21.29
CA TYR A 674 -13.98 12.34 -20.98
C TYR A 674 -13.44 12.72 -19.62
N PRO A 675 -12.50 13.67 -19.54
CA PRO A 675 -11.76 13.88 -18.29
C PRO A 675 -12.58 14.43 -17.14
N ASN A 676 -13.76 14.98 -17.40
CA ASN A 676 -14.59 15.57 -16.36
C ASN A 676 -15.61 14.60 -15.78
N ALA A 677 -15.59 13.35 -16.23
CA ALA A 677 -16.50 12.35 -15.69
C ALA A 677 -16.02 11.86 -14.32
N ALA A 678 -16.96 11.33 -13.54
CA ALA A 678 -16.65 10.83 -12.21
C ALA A 678 -15.95 9.47 -12.23
N ILE A 679 -16.32 8.60 -13.17
CA ILE A 679 -15.73 7.28 -13.30
C ILE A 679 -14.95 7.23 -14.61
N ILE A 680 -13.63 7.05 -14.52
CA ILE A 680 -12.80 7.02 -15.70
C ILE A 680 -11.99 5.73 -15.73
N ALA A 681 -11.70 5.16 -14.56
CA ALA A 681 -10.83 4.00 -14.47
C ALA A 681 -11.29 3.09 -13.35
N LYS A 682 -11.17 1.78 -13.57
CA LYS A 682 -11.53 0.77 -12.59
C LYS A 682 -10.48 -0.33 -12.58
N ILE A 683 -10.45 -1.08 -11.48
CA ILE A 683 -9.52 -2.19 -11.30
C ILE A 683 -10.29 -3.49 -11.40
N ALA A 684 -9.77 -4.45 -12.16
CA ALA A 684 -10.40 -5.75 -12.36
C ALA A 684 -9.36 -6.86 -12.22
N ASP A 685 -9.79 -8.09 -12.54
CA ASP A 685 -8.93 -9.26 -12.51
C ASP A 685 -8.32 -9.50 -11.13
N TYR A 686 -9.16 -9.81 -10.15
CA TYR A 686 -8.75 -10.03 -8.78
C TYR A 686 -8.39 -11.50 -8.52
N GLY A 687 -7.94 -12.20 -9.56
CA GLY A 687 -7.56 -13.59 -9.41
C GLY A 687 -6.27 -13.82 -8.67
N THR A 688 -5.50 -12.77 -8.41
CA THR A 688 -4.29 -12.88 -7.59
C THR A 688 -4.40 -12.18 -6.26
N ALA A 689 -5.53 -11.53 -5.97
CA ALA A 689 -5.70 -10.84 -4.70
C ALA A 689 -5.84 -11.83 -3.56
N GLN A 690 -5.36 -11.44 -2.39
CA GLN A 690 -5.39 -12.31 -1.22
C GLN A 690 -5.48 -11.43 0.03
N TYR A 691 -6.02 -12.00 1.10
CA TYR A 691 -5.98 -11.33 2.40
C TYR A 691 -4.55 -11.06 2.83
N CYS A 692 -4.28 -9.82 3.21
CA CYS A 692 -2.99 -9.40 3.76
C CYS A 692 -3.23 -8.76 5.11
N CYS A 693 -3.20 -9.56 6.17
CA CYS A 693 -3.39 -9.08 7.53
C CYS A 693 -2.04 -8.57 8.06
N ARG A 694 -1.97 -8.30 9.37
CA ARG A 694 -0.74 -7.77 9.94
C ARG A 694 0.40 -8.78 9.83
N MET A 695 0.07 -10.06 9.70
CA MET A 695 1.11 -11.09 9.60
C MET A 695 1.79 -11.09 8.25
N GLY A 696 1.14 -10.56 7.21
CA GLY A 696 1.75 -10.48 5.90
C GLY A 696 1.36 -11.59 4.97
N ILE A 697 2.13 -11.77 3.89
CA ILE A 697 1.88 -12.83 2.91
C ILE A 697 3.21 -13.37 2.44
N LYS A 698 3.27 -14.68 2.19
CA LYS A 698 4.52 -15.35 1.85
C LYS A 698 4.63 -15.73 0.39
N THR A 699 3.59 -16.30 -0.20
CA THR A 699 3.64 -16.74 -1.58
C THR A 699 3.77 -15.54 -2.52
N SER A 700 4.42 -15.77 -3.66
CA SER A 700 4.77 -14.70 -4.60
C SER A 700 3.87 -14.79 -5.83
N GLU A 701 3.21 -13.68 -6.15
CA GLU A 701 2.39 -13.59 -7.35
C GLU A 701 2.65 -12.25 -8.02
N GLY A 702 2.42 -12.19 -9.32
CA GLY A 702 2.60 -10.98 -10.09
C GLY A 702 3.37 -11.21 -11.36
N THR A 703 3.07 -10.39 -12.38
CA THR A 703 3.70 -10.43 -13.69
C THR A 703 5.09 -9.79 -13.65
N PRO A 704 6.09 -10.47 -14.21
CA PRO A 704 7.44 -9.90 -14.25
C PRO A 704 7.46 -8.56 -14.97
N GLY A 705 8.03 -7.56 -14.31
CA GLY A 705 8.12 -6.21 -14.84
C GLY A 705 7.11 -5.25 -14.23
N PHE A 706 6.16 -5.77 -13.46
CA PHE A 706 5.15 -4.96 -12.80
C PHE A 706 5.04 -5.32 -11.33
N ARG A 707 6.11 -5.82 -10.74
CA ARG A 707 6.10 -6.29 -9.36
C ARG A 707 7.27 -5.69 -8.58
N ALA A 708 7.07 -5.59 -7.27
CA ALA A 708 8.08 -5.01 -6.40
C ALA A 708 9.32 -5.89 -6.35
N PRO A 709 10.50 -5.31 -6.11
CA PRO A 709 11.72 -6.14 -6.04
C PRO A 709 11.68 -7.19 -4.95
N GLU A 710 11.02 -6.91 -3.82
CA GLU A 710 10.89 -7.90 -2.76
C GLU A 710 9.98 -9.05 -3.14
N VAL A 711 9.19 -8.91 -4.21
CA VAL A 711 8.33 -9.98 -4.67
C VAL A 711 9.04 -10.87 -5.69
N ALA A 712 9.93 -10.30 -6.49
CA ALA A 712 10.68 -11.08 -7.47
C ALA A 712 11.52 -12.15 -6.79
N ARG A 713 12.22 -11.78 -5.71
CA ARG A 713 12.95 -12.75 -4.89
C ARG A 713 11.99 -13.32 -3.86
N GLY A 714 11.32 -14.40 -4.23
CA GLY A 714 10.28 -14.99 -3.42
C GLY A 714 10.78 -15.74 -2.20
N ASN A 715 11.51 -15.04 -1.32
CA ASN A 715 11.98 -15.62 -0.07
C ASN A 715 11.44 -14.87 1.14
N VAL A 716 11.34 -13.55 1.04
CA VAL A 716 10.82 -12.77 2.16
C VAL A 716 9.29 -12.75 2.12
N ILE A 717 8.69 -12.31 3.23
CA ILE A 717 7.26 -12.10 3.30
C ILE A 717 6.99 -10.60 3.27
N TYR A 718 6.12 -10.17 2.36
CA TYR A 718 5.96 -8.77 2.03
C TYR A 718 4.58 -8.25 2.43
N ASN A 719 4.52 -6.97 2.73
CA ASN A 719 3.28 -6.28 3.08
C ASN A 719 2.68 -5.67 1.80
N GLN A 720 1.69 -4.79 1.97
CA GLN A 720 0.98 -4.19 0.84
C GLN A 720 1.78 -3.08 0.14
N GLN A 721 3.04 -2.88 0.50
CA GLN A 721 3.87 -1.90 -0.19
C GLN A 721 4.29 -2.37 -1.58
N ALA A 722 4.18 -3.67 -1.85
CA ALA A 722 4.38 -4.15 -3.21
C ALA A 722 3.37 -3.55 -4.15
N ASP A 723 2.13 -3.36 -3.69
CA ASP A 723 1.12 -2.69 -4.49
C ASP A 723 1.49 -1.23 -4.75
N VAL A 724 2.13 -0.59 -3.77
CA VAL A 724 2.57 0.80 -3.96
C VAL A 724 3.67 0.86 -5.02
N TYR A 725 4.60 -0.09 -4.97
CA TYR A 725 5.66 -0.15 -6.00
C TYR A 725 5.05 -0.41 -7.38
N SER A 726 4.07 -1.30 -7.45
CA SER A 726 3.40 -1.56 -8.72
C SER A 726 2.67 -0.33 -9.22
N PHE A 727 2.05 0.44 -8.31
CA PHE A 727 1.40 1.68 -8.73
C PHE A 727 2.43 2.70 -9.20
N GLY A 728 3.60 2.73 -8.58
CA GLY A 728 4.66 3.61 -9.06
C GLY A 728 5.09 3.25 -10.49
N LEU A 729 5.23 1.95 -10.75
CA LEU A 729 5.54 1.51 -12.11
C LEU A 729 4.42 1.89 -13.08
N LEU A 730 3.17 1.73 -12.65
CA LEU A 730 2.04 2.06 -13.51
C LEU A 730 1.99 3.55 -13.81
N LEU A 731 2.29 4.39 -12.80
CA LEU A 731 2.33 5.83 -13.02
C LEU A 731 3.48 6.22 -13.94
N TYR A 732 4.62 5.55 -13.80
CA TYR A 732 5.71 5.74 -14.76
C TYR A 732 5.25 5.41 -16.17
N ASP A 733 4.52 4.31 -16.34
CA ASP A 733 4.01 3.94 -17.65
C ASP A 733 3.03 4.98 -18.18
N ILE A 734 2.13 5.46 -17.32
CA ILE A 734 1.16 6.47 -17.73
C ILE A 734 1.87 7.74 -18.19
N LEU A 735 2.87 8.19 -17.43
CA LEU A 735 3.60 9.39 -17.80
C LEU A 735 4.37 9.20 -19.10
N THR A 736 4.99 8.04 -19.29
CA THR A 736 5.76 7.75 -20.48
C THR A 736 4.95 7.07 -21.58
N THR A 737 3.64 6.89 -21.38
CA THR A 737 2.76 6.25 -22.34
C THR A 737 3.23 4.81 -22.60
N GLY A 738 3.59 4.49 -23.84
CA GLY A 738 4.07 3.16 -24.14
C GLY A 738 5.41 2.88 -23.52
N GLY A 739 6.45 3.54 -24.02
CA GLY A 739 7.77 3.53 -23.42
C GLY A 739 8.34 2.18 -23.05
N ARG A 740 8.49 1.95 -21.74
CA ARG A 740 9.14 0.74 -21.28
C ARG A 740 8.34 -0.51 -21.62
N ILE A 741 7.01 -0.37 -21.72
CA ILE A 741 6.20 -1.51 -22.14
C ILE A 741 6.51 -1.89 -23.58
N VAL A 742 6.59 -0.88 -24.46
CA VAL A 742 6.91 -1.14 -25.86
C VAL A 742 8.32 -1.73 -25.97
N GLU A 743 9.26 -1.24 -25.17
CA GLU A 743 10.59 -1.83 -25.15
C GLU A 743 10.60 -3.26 -24.61
N GLY A 744 9.71 -3.57 -23.66
CA GLY A 744 9.70 -4.90 -23.07
C GLY A 744 9.07 -5.93 -23.98
N LEU A 745 8.08 -5.52 -24.77
CA LEU A 745 7.53 -6.40 -25.80
C LEU A 745 8.49 -6.57 -26.97
N LYS A 746 9.57 -5.79 -27.00
CA LYS A 746 10.65 -5.94 -27.98
C LYS A 746 11.84 -6.69 -27.39
N PHE A 747 12.15 -6.45 -26.12
CA PHE A 747 13.28 -7.07 -25.45
C PHE A 747 12.83 -7.75 -24.16
N PRO A 748 12.34 -8.99 -24.23
CA PRO A 748 11.92 -9.68 -23.01
C PRO A 748 13.12 -10.04 -22.13
N ASN A 749 12.81 -10.51 -20.92
CA ASN A 749 13.62 -11.09 -19.84
C ASN A 749 14.62 -10.05 -19.32
N GLU A 750 14.65 -8.88 -19.94
CA GLU A 750 15.35 -7.71 -19.43
C GLU A 750 14.39 -6.71 -18.79
N PHE A 751 13.11 -6.76 -19.20
CA PHE A 751 12.05 -5.94 -18.64
C PHE A 751 11.95 -6.14 -17.13
N ASP A 752 11.83 -7.40 -16.70
CA ASP A 752 11.77 -7.70 -15.27
C ASP A 752 13.08 -7.40 -14.56
N GLU A 753 14.22 -7.62 -15.22
CA GLU A 753 15.51 -7.36 -14.58
C GLU A 753 15.71 -5.88 -14.31
N LEU A 754 15.25 -5.01 -15.21
CA LEU A 754 15.37 -3.57 -15.01
C LEU A 754 14.17 -2.98 -14.27
N GLU A 755 13.11 -3.75 -14.06
CA GLU A 755 11.99 -3.34 -13.22
C GLU A 755 11.25 -2.15 -13.83
N GLY A 758 17.40 -3.01 -10.62
CA GLY A 758 16.70 -2.25 -9.60
C GLY A 758 16.69 -0.76 -9.85
N LYS A 759 17.13 -0.36 -11.05
CA LYS A 759 17.17 1.04 -11.42
C LYS A 759 16.63 1.18 -12.83
N LEU A 760 15.82 2.21 -13.06
CA LEU A 760 15.22 2.49 -14.34
C LEU A 760 15.44 3.95 -14.72
N PRO A 761 15.51 4.24 -16.02
CA PRO A 761 15.91 5.59 -16.47
C PRO A 761 14.98 6.72 -16.03
N ASP A 762 15.44 7.95 -16.23
CA ASP A 762 14.63 9.13 -15.97
C ASP A 762 13.50 9.20 -16.99
N PRO A 763 12.25 9.46 -16.56
CA PRO A 763 11.14 9.47 -17.52
C PRO A 763 11.31 10.47 -18.65
N VAL A 764 11.80 11.68 -18.35
CA VAL A 764 11.83 12.73 -19.36
C VAL A 764 12.95 12.49 -20.36
N LYS A 765 14.14 12.15 -19.89
CA LYS A 765 15.29 12.02 -20.78
C LYS A 765 15.18 10.78 -21.66
N GLU A 766 14.70 9.67 -21.09
CA GLU A 766 14.72 8.40 -21.82
C GLU A 766 13.73 8.41 -22.98
N TYR A 767 12.49 8.84 -22.73
CA TYR A 767 11.44 8.76 -23.74
C TYR A 767 10.99 10.12 -24.27
N GLY A 768 11.60 11.21 -23.82
CA GLY A 768 11.30 12.52 -24.37
C GLY A 768 9.87 12.98 -24.14
N CYS A 769 9.31 12.69 -22.97
CA CYS A 769 7.97 13.15 -22.64
C CYS A 769 8.02 14.55 -22.05
N ALA A 770 6.87 15.20 -22.03
CA ALA A 770 6.78 16.53 -21.42
C ALA A 770 7.02 16.42 -19.92
N PRO A 771 7.84 17.30 -19.34
CA PRO A 771 8.09 17.21 -17.90
C PRO A 771 6.82 17.36 -17.09
N TRP A 772 6.71 16.55 -16.03
CA TRP A 772 5.58 16.58 -15.09
C TRP A 772 6.15 16.64 -13.68
N PRO A 773 6.64 17.81 -13.26
CA PRO A 773 7.21 17.92 -11.92
C PRO A 773 6.15 17.68 -10.85
N MET A 774 6.60 17.14 -9.72
CA MET A 774 5.85 16.70 -8.56
C MET A 774 5.12 15.39 -8.86
N VAL A 775 5.11 14.91 -10.10
CA VAL A 775 4.70 13.56 -10.43
C VAL A 775 5.89 12.65 -10.62
N GLU A 776 6.97 13.17 -11.23
CA GLU A 776 8.23 12.45 -11.25
C GLU A 776 8.75 12.21 -9.83
N LYS A 777 8.55 13.20 -8.94
CA LYS A 777 8.92 13.02 -7.54
C LYS A 777 8.10 11.91 -6.89
N LEU A 778 6.80 11.84 -7.19
CA LEU A 778 5.97 10.76 -6.64
C LEU A 778 6.40 9.41 -7.20
N ILE A 779 6.77 9.36 -8.49
CA ILE A 779 7.26 8.13 -9.08
C ILE A 779 8.55 7.69 -8.38
N LYS A 780 9.46 8.63 -8.14
CA LYS A 780 10.70 8.29 -7.44
C LYS A 780 10.42 7.80 -6.02
N GLN A 781 9.46 8.42 -5.34
CA GLN A 781 9.08 7.99 -4.00
C GLN A 781 8.52 6.57 -4.01
N CYS A 782 7.66 6.26 -4.99
CA CYS A 782 7.02 4.96 -5.02
C CYS A 782 7.97 3.88 -5.53
N LEU A 783 9.01 4.27 -6.27
CA LEU A 783 10.01 3.32 -6.78
C LEU A 783 11.24 3.35 -5.88
N LYS A 784 11.05 2.88 -4.66
CA LYS A 784 12.11 2.79 -3.67
C LYS A 784 12.31 1.33 -3.25
N GLU A 785 13.56 0.94 -3.04
CA GLU A 785 13.86 -0.43 -2.67
C GLU A 785 13.28 -0.79 -1.31
N ASN A 786 13.36 0.12 -0.36
CA ASN A 786 12.85 -0.14 0.99
C ASN A 786 11.34 0.06 1.01
N PRO A 787 10.54 -0.96 1.34
CA PRO A 787 9.08 -0.78 1.39
C PRO A 787 8.63 0.26 2.41
N GLN A 788 9.35 0.40 3.53
CA GLN A 788 8.94 1.37 4.54
C GLN A 788 9.16 2.80 4.07
N GLU A 789 10.16 3.03 3.22
CA GLU A 789 10.36 4.36 2.66
C GLU A 789 9.22 4.73 1.71
N ARG A 790 8.63 3.74 1.06
CA ARG A 790 7.51 4.00 0.16
C ARG A 790 6.30 4.49 0.94
N PRO A 791 5.55 5.46 0.42
CA PRO A 791 4.32 5.87 1.07
C PRO A 791 3.24 4.81 0.95
N THR A 792 2.25 4.90 1.83
CA THR A 792 1.10 4.00 1.73
C THR A 792 0.16 4.47 0.63
N SER A 793 -0.83 3.62 0.33
CA SER A 793 -1.77 3.95 -0.74
C SER A 793 -2.58 5.21 -0.41
N ALA A 794 -2.94 5.37 0.87
CA ALA A 794 -3.64 6.59 1.29
C ALA A 794 -2.77 7.82 1.07
N GLN A 795 -1.48 7.73 1.38
CA GLN A 795 -0.59 8.86 1.17
C GLN A 795 -0.42 9.16 -0.32
N VAL A 796 -0.33 8.12 -1.15
CA VAL A 796 -0.22 8.34 -2.59
C VAL A 796 -1.48 9.02 -3.13
N PHE A 797 -2.66 8.56 -2.67
CA PHE A 797 -3.89 9.22 -3.09
C PHE A 797 -3.93 10.67 -2.62
N ASP A 798 -3.46 10.94 -1.40
CA ASP A 798 -3.43 12.31 -0.91
C ASP A 798 -2.51 13.18 -1.74
N ILE A 799 -1.34 12.66 -2.12
CA ILE A 799 -0.41 13.43 -2.95
C ILE A 799 -1.03 13.69 -4.32
N LEU A 800 -1.67 12.68 -4.91
CA LEU A 800 -2.29 12.87 -6.23
C LEU A 800 -3.49 13.80 -6.16
N ASN A 801 -4.15 13.89 -5.01
CA ASN A 801 -5.34 14.73 -4.85
C ASN A 801 -4.87 16.14 -4.52
N SER A 802 -4.32 16.82 -5.53
CA SER A 802 -3.89 18.20 -5.39
C SER A 802 -3.73 18.83 -6.77
N ALA A 803 -4.28 20.03 -6.96
CA ALA A 803 -4.19 20.68 -8.27
C ALA A 803 -2.81 21.30 -8.51
N GLU A 804 -2.03 21.51 -7.46
CA GLU A 804 -0.65 21.92 -7.66
C GLU A 804 0.15 20.84 -8.38
N LEU A 805 -0.18 19.58 -8.12
CA LEU A 805 0.50 18.47 -8.77
C LEU A 805 0.25 18.47 -10.28
N VAL A 806 -0.98 18.78 -10.69
CA VAL A 806 -1.34 18.68 -12.11
C VAL A 806 -1.05 19.98 -12.87
N CYS A 807 -1.13 21.12 -12.19
CA CYS A 807 -0.93 22.40 -12.86
C CYS A 807 0.51 22.90 -12.83
N LEU A 808 1.41 22.18 -12.16
CA LEU A 808 2.81 22.57 -12.13
C LEU A 808 3.48 22.15 -13.43
N THR A 809 4.22 23.08 -14.05
CA THR A 809 4.87 22.80 -15.32
C THR A 809 6.27 23.39 -15.37
N ARG A 811 8.86 23.94 -13.46
CA ARG A 811 9.81 24.25 -12.40
C ARG A 811 11.25 24.10 -12.91
N ILE A 812 11.93 25.23 -13.07
CA ILE A 812 13.29 25.27 -13.62
C ILE A 812 14.18 25.95 -12.58
N LEU A 813 15.12 25.20 -12.04
CA LEU A 813 16.06 25.77 -11.08
C LEU A 813 17.10 26.64 -11.81
N LEU A 814 17.80 27.46 -11.04
CA LEU A 814 18.85 28.33 -11.53
C LEU A 814 20.16 28.06 -10.80
N PRO A 815 21.30 28.44 -11.38
CA PRO A 815 22.58 28.18 -10.72
C PRO A 815 22.66 28.83 -9.35
N LYS A 816 23.38 28.16 -8.45
CA LYS A 816 23.47 28.60 -7.06
C LYS A 816 24.15 29.96 -6.98
N ASN A 817 23.69 30.78 -6.04
CA ASN A 817 24.21 32.13 -5.81
C ASN A 817 24.04 33.03 -7.02
N VAL A 818 22.98 32.82 -7.80
CA VAL A 818 22.62 33.67 -8.92
C VAL A 818 21.24 34.24 -8.63
N ILE A 819 21.20 35.50 -8.19
CA ILE A 819 19.96 36.17 -7.85
C ILE A 819 19.45 36.92 -9.06
N VAL A 820 18.14 36.89 -9.27
CA VAL A 820 17.49 37.52 -10.42
C VAL A 820 16.53 38.58 -9.88
N GLU A 821 16.60 39.78 -10.47
CA GLU A 821 15.74 40.88 -10.09
C GLU A 821 14.50 41.02 -10.96
N CYS A 822 14.63 40.84 -12.28
CA CYS A 822 13.51 41.00 -13.18
C CYS A 822 13.68 40.05 -14.36
N MET A 823 12.57 39.75 -15.02
CA MET A 823 12.59 38.87 -16.19
C MET A 823 11.52 39.32 -17.17
N VAL A 824 11.75 38.99 -18.44
CA VAL A 824 10.77 39.25 -19.49
C VAL A 824 10.71 38.02 -20.40
N ALA A 825 9.60 37.90 -21.13
CA ALA A 825 9.40 36.78 -22.04
C ALA A 825 9.43 37.26 -23.49
N SER A 834 11.56 31.04 -25.00
CA SER A 834 12.75 31.72 -24.51
C SER A 834 12.37 32.81 -23.51
N ILE A 835 13.15 32.92 -22.44
CA ILE A 835 12.91 33.89 -21.38
C ILE A 835 14.21 34.66 -21.14
N TRP A 836 14.08 35.97 -20.96
CA TRP A 836 15.24 36.81 -20.66
C TRP A 836 15.24 37.19 -19.18
N LEU A 837 16.41 37.13 -18.56
CA LEU A 837 16.55 37.37 -17.13
C LEU A 837 17.62 38.41 -16.87
N GLY A 838 17.46 39.13 -15.76
CA GLY A 838 18.45 40.08 -15.30
C GLY A 838 19.18 39.58 -14.06
N CYS A 839 19.99 40.47 -13.49
CA CYS A 839 20.75 40.14 -12.29
C CYS A 839 21.14 41.40 -11.53
N GLN A 846 24.29 42.69 -15.12
CA GLN A 846 24.40 41.37 -15.74
C GLN A 846 23.07 40.93 -16.34
N LEU A 847 23.06 40.72 -17.65
CA LEU A 847 21.88 40.29 -18.38
C LEU A 847 22.02 38.82 -18.73
N SER A 848 21.03 38.02 -18.33
CA SER A 848 21.06 36.57 -18.49
C SER A 848 20.08 36.14 -19.59
N PHE A 849 19.97 34.83 -19.77
CA PHE A 849 19.09 34.24 -20.76
C PHE A 849 18.86 32.79 -20.42
N LEU A 850 17.68 32.28 -20.77
CA LEU A 850 17.34 30.88 -20.52
C LEU A 850 16.39 30.38 -21.60
N ILE A 867 21.34 46.50 -13.82
CA ILE A 867 20.09 46.09 -14.45
C ILE A 867 18.95 46.11 -13.44
N LEU A 868 17.93 46.89 -13.73
CA LEU A 868 16.77 47.03 -12.84
C LEU A 868 15.47 46.62 -13.48
N CYS A 869 15.34 46.79 -14.80
CA CYS A 869 14.09 46.48 -15.49
C CYS A 869 14.41 46.07 -16.92
N LEU A 870 13.48 45.31 -17.52
CA LEU A 870 13.63 44.81 -18.87
C LEU A 870 12.29 44.91 -19.60
N ALA A 871 12.35 44.81 -20.93
CA ALA A 871 11.14 44.83 -21.76
C ALA A 871 11.47 44.25 -23.12
N LEU A 872 10.51 43.51 -23.69
CA LEU A 872 10.64 42.94 -25.02
C LEU A 872 10.06 43.92 -26.04
N VAL A 873 10.93 44.65 -26.72
CA VAL A 873 10.51 45.62 -27.72
C VAL A 873 10.52 44.95 -29.09
N HIS A 874 9.39 44.94 -29.76
CA HIS A 874 9.26 44.32 -31.07
C HIS A 874 9.36 45.37 -32.18
N ILE A 883 16.33 44.53 -26.63
CA ILE A 883 15.95 44.40 -25.23
C ILE A 883 16.44 45.60 -24.44
N VAL A 884 15.52 46.52 -24.13
CA VAL A 884 15.87 47.68 -23.33
C VAL A 884 16.11 47.25 -21.89
N SER A 885 17.18 47.78 -21.30
CA SER A 885 17.57 47.40 -19.94
C SER A 885 17.76 48.66 -19.12
N GLY A 886 17.15 48.71 -17.95
CA GLY A 886 17.25 49.86 -17.08
C GLY A 886 18.45 49.79 -16.14
N THR A 914 13.32 52.55 -13.43
CA THR A 914 12.87 51.63 -12.39
C THR A 914 11.89 50.60 -12.96
N CYS A 915 10.98 51.08 -13.80
CA CYS A 915 10.00 50.23 -14.46
C CYS A 915 10.03 50.54 -15.95
N LEU A 916 9.60 49.56 -16.75
CA LEU A 916 9.75 49.68 -18.20
C LEU A 916 8.64 48.89 -18.89
N TYR A 917 8.06 49.48 -19.93
CA TYR A 917 7.00 48.86 -20.70
C TYR A 917 7.29 49.01 -22.19
N CYS A 918 6.95 47.97 -22.94
CA CYS A 918 7.05 48.03 -24.40
C CYS A 918 6.05 49.03 -24.97
N LEU A 931 7.25 52.88 -25.52
CA LEU A 931 8.35 52.55 -24.62
C LEU A 931 8.45 53.57 -23.49
N LEU A 932 7.70 53.34 -22.43
CA LEU A 932 7.68 54.27 -21.30
C LEU A 932 8.75 53.90 -20.28
N VAL A 933 9.37 54.93 -19.71
CA VAL A 933 10.45 54.76 -18.74
C VAL A 933 10.10 55.53 -17.48
N GLY A 934 10.23 54.87 -16.33
CA GLY A 934 9.96 55.52 -15.06
C GLY A 934 11.12 55.46 -14.11
N THR A 935 11.48 56.60 -13.52
CA THR A 935 12.61 56.68 -12.61
C THR A 935 12.15 56.69 -11.16
N GLY A 938 11.14 59.95 -9.90
CA GLY A 938 9.82 59.60 -10.42
C GLY A 938 9.45 60.37 -11.67
N LYS A 939 10.46 60.68 -12.48
CA LYS A 939 10.26 61.44 -13.72
C LYS A 939 9.93 60.46 -14.85
N LEU A 940 8.67 60.44 -15.26
CA LEU A 940 8.24 59.57 -16.35
C LEU A 940 8.75 60.11 -17.69
N ALA A 941 9.11 59.18 -18.57
CA ALA A 941 9.63 59.53 -19.90
C ALA A 941 9.04 58.55 -20.91
N ILE A 942 8.20 59.05 -21.80
CA ILE A 942 7.58 58.21 -22.83
C ILE A 942 8.62 57.74 -23.82
N PRO A 967 9.59 57.87 -6.00
CA PRO A 967 10.06 57.20 -7.22
C PRO A 967 8.95 56.43 -7.93
N LEU A 968 8.82 56.64 -9.24
CA LEU A 968 7.81 55.94 -10.02
C LEU A 968 8.17 54.47 -10.13
N MET A 969 7.20 53.60 -9.80
CA MET A 969 7.43 52.16 -9.83
C MET A 969 6.27 51.37 -10.40
N CYS A 970 5.15 52.00 -10.75
CA CYS A 970 3.96 51.27 -11.14
C CYS A 970 3.44 51.80 -12.47
N LEU A 971 3.06 50.88 -13.35
CA LEU A 971 2.42 51.23 -14.61
C LEU A 971 1.85 49.96 -15.23
N SER A 972 0.58 50.02 -15.63
CA SER A 972 -0.09 48.90 -16.27
C SER A 972 -1.22 49.43 -17.14
N GLU A 973 -1.62 48.61 -18.11
CA GLU A 973 -2.67 48.98 -19.06
C GLU A 973 -3.71 47.86 -19.14
N SER A 974 -4.98 48.24 -19.05
CA SER A 974 -6.08 47.29 -19.15
C SER A 974 -7.40 48.02 -19.41
N VAL A 982 -7.10 51.82 -21.77
CA VAL A 982 -6.52 52.81 -20.88
C VAL A 982 -5.26 52.26 -20.23
N MET A 983 -4.36 53.17 -19.83
CA MET A 983 -3.13 52.79 -19.14
C MET A 983 -2.96 53.67 -17.91
N TRP A 984 -2.61 53.04 -16.79
CA TRP A 984 -2.56 53.70 -15.49
C TRP A 984 -1.18 53.46 -14.88
N GLY A 985 -1.02 53.89 -13.63
CA GLY A 985 0.27 53.74 -12.97
C GLY A 985 0.21 54.26 -11.55
N GLY A 986 1.40 54.34 -10.94
CA GLY A 986 1.54 54.84 -9.59
C GLY A 986 2.90 55.45 -9.34
N CYS A 987 2.92 56.66 -8.77
CA CYS A 987 4.16 57.37 -8.49
C CYS A 987 4.26 57.66 -7.00
N GLY A 988 5.38 57.28 -6.40
CA GLY A 988 5.58 57.57 -4.98
C GLY A 988 4.57 56.85 -4.12
N THR A 989 3.81 57.62 -3.35
CA THR A 989 2.77 57.11 -2.48
C THR A 989 1.40 57.66 -2.90
N LYS A 990 1.13 57.64 -4.20
CA LYS A 990 -0.14 58.08 -4.74
C LYS A 990 -0.31 57.51 -6.14
N ILE A 991 -1.54 57.12 -6.47
CA ILE A 991 -1.85 56.57 -7.79
C ILE A 991 -2.03 57.71 -8.78
N PHE A 992 -1.45 57.57 -9.96
CA PHE A 992 -1.55 58.59 -11.01
C PHE A 992 -1.97 57.90 -12.30
N SER A 993 -2.56 58.68 -13.20
CA SER A 993 -3.07 58.13 -14.45
C SER A 993 -2.97 59.18 -15.54
N PHE A 994 -2.93 58.71 -16.78
CA PHE A 994 -2.92 59.56 -17.96
C PHE A 994 -3.33 58.72 -19.16
N SER A 995 -3.91 59.37 -20.15
CA SER A 995 -4.38 58.69 -21.35
C SER A 995 -3.27 58.62 -22.40
N ILE A 1000 -1.12 63.54 -17.39
CA ILE A 1000 -1.79 63.39 -16.11
C ILE A 1000 -3.29 63.60 -16.26
N GLN A 1001 -4.07 62.58 -15.94
CA GLN A 1001 -5.52 62.63 -16.04
C GLN A 1001 -6.20 62.55 -14.68
N LYS A 1002 -5.75 61.65 -13.80
CA LYS A 1002 -6.42 61.43 -12.53
C LYS A 1002 -5.35 61.19 -11.46
N LEU A 1003 -5.09 62.22 -10.66
CA LEU A 1003 -4.14 62.11 -9.56
C LEU A 1003 -4.92 61.68 -8.32
N ILE A 1004 -4.83 60.39 -7.98
CA ILE A 1004 -5.54 59.81 -6.85
C ILE A 1004 -4.54 59.71 -5.71
N GLU A 1005 -4.51 60.72 -4.85
CA GLU A 1005 -3.59 60.71 -3.71
C GLU A 1005 -4.15 59.81 -2.62
N THR A 1006 -3.36 58.83 -2.19
CA THR A 1006 -3.89 57.68 -1.47
C THR A 1006 -3.52 57.65 0.01
N ARG A 1007 -3.12 58.78 0.58
CA ARG A 1007 -2.89 58.81 2.03
C ARG A 1007 -4.18 58.98 2.82
N THR A 1008 -5.33 59.05 2.16
CA THR A 1008 -6.61 59.09 2.85
C THR A 1008 -6.85 57.84 3.68
N SER A 1009 -6.25 56.71 3.31
CA SER A 1009 -6.46 55.42 3.97
C SER A 1009 -5.67 55.27 5.26
N GLN A 1010 -5.17 56.35 5.85
CA GLN A 1010 -4.43 56.23 7.11
C GLN A 1010 -5.34 55.85 8.26
N LEU A 1011 -6.63 56.18 8.18
CA LEU A 1011 -7.54 55.85 9.28
C LEU A 1011 -7.70 54.34 9.44
N PHE A 1012 -7.82 53.62 8.33
CA PHE A 1012 -7.88 52.17 8.35
C PHE A 1012 -6.46 51.61 8.28
N SER A 1013 -6.20 50.56 9.06
CA SER A 1013 -4.90 49.89 9.09
C SER A 1013 -3.80 50.80 9.63
N TYR A 1014 -2.62 50.24 9.85
CA TYR A 1014 -1.52 51.00 10.43
C TYR A 1014 -1.06 52.10 9.47
N ALA A 1015 -0.63 53.22 10.05
CA ALA A 1015 -0.15 54.34 9.24
C ALA A 1015 1.11 53.99 8.49
N ALA A 1016 1.95 53.12 9.05
CA ALA A 1016 3.15 52.68 8.34
C ALA A 1016 2.79 51.93 7.07
N PHE A 1017 1.80 51.05 7.15
CA PHE A 1017 1.34 50.34 5.95
C PHE A 1017 0.64 51.30 4.99
N SER A 1018 -0.09 52.29 5.52
CA SER A 1018 -0.81 53.21 4.66
C SER A 1018 0.14 54.08 3.85
N ASP A 1019 1.14 54.66 4.50
CA ASP A 1019 2.08 55.56 3.84
C ASP A 1019 3.38 54.84 3.47
N SER A 1020 3.28 54.01 2.43
CA SER A 1020 4.41 53.23 1.93
C SER A 1020 4.49 53.34 0.41
N ASN A 1021 5.70 53.19 -0.12
CA ASN A 1021 5.90 53.27 -1.55
C ASN A 1021 5.15 52.14 -2.27
N ILE A 1022 4.55 52.49 -3.41
CA ILE A 1022 3.68 51.56 -4.11
C ILE A 1022 4.53 50.54 -4.87
N ILE A 1023 4.12 49.28 -4.83
CA ILE A 1023 4.84 48.22 -5.53
C ILE A 1023 4.24 47.95 -6.91
N THR A 1024 2.98 47.54 -6.96
CA THR A 1024 2.28 47.33 -8.23
C THR A 1024 0.87 47.90 -8.14
N VAL A 1025 0.32 48.25 -9.30
CA VAL A 1025 -1.07 48.64 -9.44
C VAL A 1025 -1.71 47.75 -10.49
N VAL A 1026 -2.97 47.38 -10.26
CA VAL A 1026 -3.70 46.47 -11.14
C VAL A 1026 -4.93 47.20 -11.67
N VAL A 1027 -5.11 47.18 -12.98
CA VAL A 1027 -6.19 47.89 -13.65
C VAL A 1027 -7.31 46.91 -13.93
N ASP A 1028 -8.47 47.15 -13.33
CA ASP A 1028 -9.66 46.34 -13.54
C ASP A 1028 -10.86 47.26 -13.28
N THR A 1029 -12.04 46.66 -13.08
CA THR A 1029 -13.19 47.44 -12.64
C THR A 1029 -12.88 48.20 -11.35
N ALA A 1030 -12.09 47.58 -10.47
CA ALA A 1030 -11.59 48.20 -9.26
C ALA A 1030 -10.11 48.51 -9.44
N LEU A 1031 -9.47 49.03 -8.38
CA LEU A 1031 -8.05 49.36 -8.38
C LEU A 1031 -7.39 48.65 -7.20
N TYR A 1032 -6.61 47.62 -7.48
CA TYR A 1032 -5.90 46.86 -6.46
C TYR A 1032 -4.47 47.37 -6.36
N ILE A 1033 -4.09 47.85 -5.19
CA ILE A 1033 -2.78 48.46 -4.95
C ILE A 1033 -2.16 47.84 -3.71
N ALA A 1034 -0.88 47.52 -3.80
CA ALA A 1034 -0.09 47.07 -2.66
C ALA A 1034 1.19 47.89 -2.60
N LYS A 1035 1.73 48.02 -1.38
CA LYS A 1035 2.87 48.88 -1.12
C LYS A 1035 4.01 48.09 -0.51
N GLN A 1036 5.14 48.77 -0.28
CA GLN A 1036 6.29 48.13 0.33
C GLN A 1036 5.96 47.64 1.73
N ASN A 1037 6.24 46.36 1.99
CA ASN A 1037 6.04 45.76 3.30
C ASN A 1037 4.60 45.94 3.78
N SER A 1038 3.64 45.75 2.87
CA SER A 1038 2.23 45.97 3.17
C SER A 1038 1.48 44.64 3.09
N PRO A 1039 1.17 44.00 4.22
CA PRO A 1039 0.35 42.78 4.18
C PRO A 1039 -1.08 43.01 3.74
N VAL A 1040 -1.47 44.23 3.39
CA VAL A 1040 -2.84 44.58 3.05
C VAL A 1040 -2.86 45.19 1.65
N VAL A 1041 -3.78 44.70 0.81
CA VAL A 1041 -3.97 45.20 -0.54
C VAL A 1041 -5.17 46.14 -0.54
N GLU A 1042 -4.97 47.35 -1.07
CA GLU A 1042 -6.01 48.37 -1.09
C GLU A 1042 -6.81 48.32 -2.39
N VAL A 1043 -8.13 48.36 -2.27
CA VAL A 1043 -9.04 48.32 -3.41
C VAL A 1043 -9.73 49.68 -3.51
N TRP A 1044 -9.60 50.31 -4.68
CA TRP A 1044 -10.19 51.61 -4.93
C TRP A 1044 -10.99 51.56 -6.22
N ASP A 1045 -11.94 52.49 -6.34
CA ASP A 1045 -12.81 52.60 -7.51
C ASP A 1045 -12.38 53.79 -8.35
N LYS A 1046 -12.22 53.57 -9.65
CA LYS A 1046 -11.79 54.65 -10.54
C LYS A 1046 -12.91 55.68 -10.72
N LYS A 1047 -14.16 55.23 -10.74
CA LYS A 1047 -15.27 56.15 -11.00
C LYS A 1047 -15.40 57.19 -9.90
N THR A 1048 -15.26 56.77 -8.63
CA THR A 1048 -15.40 57.68 -7.51
C THR A 1048 -14.07 58.16 -6.95
N GLU A 1049 -12.95 57.60 -7.41
CA GLU A 1049 -11.62 57.94 -6.88
C GLU A 1049 -11.59 57.82 -5.36
N LYS A 1050 -12.21 56.77 -4.85
CA LYS A 1050 -12.34 56.56 -3.41
C LYS A 1050 -12.05 55.10 -3.08
N LEU A 1051 -11.57 54.88 -1.86
CA LEU A 1051 -11.29 53.53 -1.40
C LEU A 1051 -12.58 52.72 -1.30
N CYS A 1052 -12.49 51.43 -1.64
CA CYS A 1052 -13.62 50.53 -1.60
C CYS A 1052 -13.54 49.49 -0.49
N GLY A 1053 -12.34 49.09 -0.09
CA GLY A 1053 -12.17 48.09 0.94
C GLY A 1053 -10.78 47.49 0.93
N LEU A 1054 -10.29 47.08 2.09
CA LEU A 1054 -8.95 46.52 2.21
C LEU A 1054 -9.04 45.03 2.52
N ILE A 1055 -8.16 44.25 1.89
CA ILE A 1055 -8.08 42.81 2.09
C ILE A 1055 -6.72 42.49 2.70
N ASP A 1056 -6.71 41.59 3.69
CA ASP A 1056 -5.50 41.25 4.42
C ASP A 1056 -5.07 39.83 4.04
N CYS A 1057 -3.84 39.71 3.55
CA CYS A 1057 -3.29 38.39 3.26
C CYS A 1057 -2.96 37.63 4.54
N VAL A 1058 -2.59 38.35 5.60
CA VAL A 1058 -2.32 37.71 6.88
C VAL A 1058 -3.56 37.00 7.40
N HIS A 1059 -4.74 37.56 7.16
CA HIS A 1059 -5.98 36.91 7.56
C HIS A 1059 -6.12 35.54 6.91
N PHE A 1060 -5.94 35.47 5.58
CA PHE A 1060 -6.04 34.19 4.89
C PHE A 1060 -4.96 33.22 5.34
N LEU A 1061 -3.73 33.72 5.53
CA LEU A 1061 -2.63 32.85 5.94
C LEU A 1061 -2.89 32.25 7.32
N ARG A 1062 -3.40 33.06 8.25
CA ARG A 1062 -3.73 32.55 9.57
C ARG A 1062 -4.91 31.58 9.51
N GLU A 1063 -5.90 31.87 8.65
CA GLU A 1063 -7.04 30.98 8.53
C GLU A 1063 -6.63 29.61 8.00
N VAL A 1064 -5.71 29.58 7.04
CA VAL A 1064 -5.21 28.33 6.51
C VAL A 1064 -4.30 27.65 7.53
N TYR A 1078 5.71 32.63 7.55
CA TYR A 1078 4.63 33.32 6.87
C TYR A 1078 4.82 34.84 6.96
N SER A 1079 5.63 35.38 6.05
CA SER A 1079 5.88 36.83 6.05
C SER A 1079 4.60 37.60 5.77
N GLY A 1080 3.81 37.14 4.79
CA GLY A 1080 2.55 37.78 4.46
C GLY A 1080 2.65 39.09 3.72
N ARG A 1081 3.81 39.75 3.72
CA ARG A 1081 3.94 41.03 3.05
C ARG A 1081 3.89 40.83 1.54
N VAL A 1082 3.07 41.65 0.87
CA VAL A 1082 2.84 41.47 -0.56
C VAL A 1082 4.06 41.94 -1.34
N LYS A 1083 4.50 41.13 -2.29
CA LYS A 1083 5.61 41.47 -3.18
C LYS A 1083 5.19 41.79 -4.60
N THR A 1084 4.12 41.18 -5.11
CA THR A 1084 3.70 41.40 -6.49
C THR A 1084 2.24 40.99 -6.64
N LEU A 1085 1.61 41.52 -7.70
CA LEU A 1085 0.23 41.20 -8.04
C LEU A 1085 0.13 40.87 -9.52
N CYS A 1086 -0.79 39.98 -9.87
CA CYS A 1086 -1.11 39.69 -11.25
C CYS A 1086 -2.57 39.28 -11.35
N LEU A 1087 -3.26 39.80 -12.35
CA LEU A 1087 -4.68 39.54 -12.55
C LEU A 1087 -4.87 38.58 -13.73
N GLN A 1088 -5.73 37.59 -13.54
CA GLN A 1088 -6.08 36.64 -14.60
C GLN A 1088 -7.48 36.93 -15.12
N LYS A 1089 -7.68 36.69 -16.42
CA LYS A 1089 -8.92 37.03 -17.09
C LYS A 1089 -10.12 36.26 -16.55
N ASN A 1090 -9.91 35.17 -15.83
CA ASN A 1090 -10.99 34.38 -15.26
C ASN A 1090 -11.42 34.87 -13.87
N THR A 1091 -11.19 36.16 -13.57
CA THR A 1091 -11.53 36.78 -12.30
C THR A 1091 -10.82 36.12 -11.12
N ALA A 1092 -9.52 35.88 -11.25
CA ALA A 1092 -8.69 35.38 -10.18
C ALA A 1092 -7.51 36.33 -9.97
N LEU A 1093 -7.08 36.48 -8.72
CA LEU A 1093 -6.00 37.37 -8.34
C LEU A 1093 -4.83 36.54 -7.81
N TRP A 1094 -3.65 36.74 -8.38
CA TRP A 1094 -2.43 36.10 -7.90
C TRP A 1094 -1.62 37.09 -7.10
N ILE A 1095 -1.31 36.74 -5.85
CA ILE A 1095 -0.53 37.59 -4.95
C ILE A 1095 0.68 36.80 -4.48
N GLY A 1096 1.87 37.38 -4.62
CA GLY A 1096 3.08 36.78 -4.12
C GLY A 1096 3.50 37.37 -2.78
N THR A 1097 3.31 36.61 -1.71
CA THR A 1097 3.65 37.09 -0.38
C THR A 1097 5.16 37.14 -0.20
N GLY A 1098 5.59 37.75 0.92
CA GLY A 1098 7.00 37.80 1.23
C GLY A 1098 7.60 36.42 1.39
N GLY A 1099 6.83 35.48 1.94
CA GLY A 1099 7.23 34.10 1.99
C GLY A 1099 6.92 33.38 0.70
N GLY A 1100 7.17 32.07 0.71
CA GLY A 1100 6.93 31.25 -0.46
C GLY A 1100 5.51 30.75 -0.57
N HIS A 1101 4.54 31.67 -0.57
CA HIS A 1101 3.13 31.32 -0.63
C HIS A 1101 2.45 32.15 -1.71
N ILE A 1102 1.48 31.55 -2.39
CA ILE A 1102 0.74 32.19 -3.47
C ILE A 1102 -0.74 32.12 -3.13
N LEU A 1103 -1.42 33.27 -3.20
CA LEU A 1103 -2.83 33.38 -2.84
C LEU A 1103 -3.66 33.55 -4.10
N LEU A 1104 -4.69 32.72 -4.24
CA LEU A 1104 -5.64 32.80 -5.36
C LEU A 1104 -6.97 33.27 -4.80
N LEU A 1105 -7.37 34.48 -5.15
CA LEU A 1105 -8.62 35.08 -4.70
C LEU A 1105 -9.53 35.35 -5.89
N ASP A 1106 -10.79 34.96 -5.77
CA ASP A 1106 -11.80 35.41 -6.72
C ASP A 1106 -11.99 36.92 -6.60
N LEU A 1107 -11.94 37.62 -7.73
CA LEU A 1107 -12.03 39.07 -7.69
C LEU A 1107 -13.41 39.53 -7.25
N SER A 1108 -14.45 38.79 -7.62
CA SER A 1108 -15.82 39.19 -7.27
C SER A 1108 -16.12 38.87 -5.81
N THR A 1109 -16.04 37.59 -5.44
CA THR A 1109 -16.46 37.16 -4.11
C THR A 1109 -15.41 37.39 -3.03
N ARG A 1110 -14.19 37.79 -3.40
CA ARG A 1110 -13.10 38.07 -2.48
C ARG A 1110 -12.70 36.82 -1.68
N ARG A 1111 -13.08 35.63 -2.15
CA ARG A 1111 -12.84 34.40 -1.42
C ARG A 1111 -11.51 33.77 -1.81
N LEU A 1112 -10.88 33.10 -0.85
CA LEU A 1112 -9.61 32.41 -1.07
C LEU A 1112 -9.86 31.09 -1.78
N ILE A 1113 -9.44 31.00 -3.04
CA ILE A 1113 -9.61 29.76 -3.79
C ILE A 1113 -8.69 28.67 -3.22
N ARG A 1114 -7.42 29.00 -3.03
CA ARG A 1114 -6.41 28.07 -2.52
C ARG A 1114 -5.13 28.85 -2.29
N VAL A 1115 -4.35 28.40 -1.31
CA VAL A 1115 -3.02 28.94 -1.03
C VAL A 1115 -2.00 27.88 -1.42
N ILE A 1116 -0.92 28.31 -2.06
CA ILE A 1116 0.13 27.42 -2.53
C ILE A 1116 1.22 27.38 -1.46
N TYR A 1117 1.48 26.20 -0.92
CA TYR A 1117 2.48 26.02 0.13
C TYR A 1117 3.61 25.14 -0.41
N ASN A 1118 4.72 25.13 0.31
CA ASN A 1118 5.95 24.40 -0.02
C ASN A 1118 6.54 24.83 -1.35
N PHE A 1119 6.06 25.91 -1.95
CA PHE A 1119 6.55 26.35 -3.25
C PHE A 1119 8.00 26.84 -3.17
N CYS A 1120 8.30 27.73 -2.25
CA CYS A 1120 9.63 28.30 -2.09
C CYS A 1120 9.68 29.02 -0.74
N ASN A 1121 10.71 29.82 -0.52
CA ASN A 1121 10.86 30.58 0.71
C ASN A 1121 10.52 32.06 0.53
N SER A 1122 10.57 32.58 -0.70
CA SER A 1122 10.24 33.97 -0.97
C SER A 1122 9.95 34.13 -2.45
N VAL A 1123 9.06 35.06 -2.77
CA VAL A 1123 8.64 35.33 -4.15
C VAL A 1123 9.14 36.72 -4.53
N ARG A 1124 9.82 36.82 -5.67
CA ARG A 1124 10.40 38.08 -6.11
C ARG A 1124 9.57 38.79 -7.17
N VAL A 1125 9.34 38.15 -8.31
CA VAL A 1125 8.64 38.78 -9.43
C VAL A 1125 7.73 37.74 -10.07
N MET A 1126 6.58 38.21 -10.55
CA MET A 1126 5.54 37.35 -11.08
C MET A 1126 4.99 37.95 -12.36
N MET A 1127 4.65 37.08 -13.31
CA MET A 1127 4.13 37.52 -14.59
C MET A 1127 3.53 36.33 -15.33
N THR A 1128 3.00 36.59 -16.52
CA THR A 1128 2.37 35.57 -17.36
C THR A 1128 3.05 35.55 -18.72
N ALA A 1129 3.14 34.36 -19.31
CA ALA A 1129 3.73 34.16 -20.63
C ALA A 1129 2.80 33.29 -21.47
N GLN A 1130 3.28 32.88 -22.64
CA GLN A 1130 2.52 32.01 -23.52
C GLN A 1130 3.42 30.92 -24.13
N ASN A 1136 -0.64 29.17 -22.76
CA ASN A 1136 -0.66 30.26 -21.79
C ASN A 1136 -0.31 29.74 -20.40
N VAL A 1137 0.79 30.22 -19.84
CA VAL A 1137 1.27 29.80 -18.53
C VAL A 1137 1.51 31.03 -17.67
N MET A 1138 1.86 30.79 -16.41
CA MET A 1138 2.03 31.83 -15.42
C MET A 1138 3.43 31.70 -14.81
N LEU A 1139 4.25 32.74 -14.97
CA LEU A 1139 5.65 32.69 -14.56
C LEU A 1139 5.81 33.28 -13.17
N VAL A 1140 6.34 32.49 -12.25
CA VAL A 1140 6.64 32.92 -10.89
C VAL A 1140 8.12 32.71 -10.62
N LEU A 1141 8.81 33.76 -10.18
CA LEU A 1141 10.21 33.69 -9.82
C LEU A 1141 10.35 33.86 -8.31
N GLY A 1142 11.10 32.96 -7.68
CA GLY A 1142 11.23 32.99 -6.24
C GLY A 1142 12.63 32.61 -5.79
N TYR A 1143 12.95 32.99 -4.56
CA TYR A 1143 14.21 32.65 -3.92
C TYR A 1143 14.04 31.45 -3.00
N ASN A 1144 15.16 30.98 -2.45
CA ASN A 1144 15.15 29.87 -1.51
C ASN A 1144 16.05 30.15 -0.31
N ARG A 1145 16.08 31.41 0.15
CA ARG A 1145 16.91 31.81 1.27
C ARG A 1145 16.51 31.07 2.56
N ILE A 1157 22.10 31.60 -1.06
CA ILE A 1157 20.82 31.96 -1.65
C ILE A 1157 20.68 31.32 -3.02
N GLN A 1158 19.48 30.80 -3.31
CA GLN A 1158 19.19 30.16 -4.59
C GLN A 1158 17.84 30.64 -5.09
N SER A 1159 17.79 31.01 -6.37
CA SER A 1159 16.57 31.47 -7.01
C SER A 1159 16.06 30.39 -7.97
N CYS A 1160 14.74 30.22 -7.99
CA CYS A 1160 14.10 29.21 -8.82
C CYS A 1160 13.05 29.87 -9.70
N LEU A 1161 12.92 29.36 -10.93
CA LEU A 1161 11.91 29.83 -11.87
C LEU A 1161 10.87 28.72 -12.00
N THR A 1162 9.61 29.07 -11.81
CA THR A 1162 8.53 28.10 -11.81
C THR A 1162 7.45 28.50 -12.81
N VAL A 1163 6.93 27.50 -13.53
CA VAL A 1163 5.90 27.69 -14.54
C VAL A 1163 4.62 27.03 -14.05
N TRP A 1164 3.56 27.83 -13.93
CA TRP A 1164 2.26 27.33 -13.52
C TRP A 1164 1.28 27.45 -14.69
N ASP A 1165 0.50 26.39 -14.90
CA ASP A 1165 -0.59 26.46 -15.85
C ASP A 1165 -1.63 27.46 -15.36
N ILE A 1166 -2.09 28.32 -16.26
CA ILE A 1166 -2.90 29.48 -15.87
C ILE A 1166 -4.33 29.04 -15.56
N ASN A 1167 -4.61 27.75 -15.73
CA ASN A 1167 -5.92 27.19 -15.42
C ASN A 1167 -5.95 26.67 -13.98
N LEU A 1168 -5.08 27.19 -13.12
CA LEU A 1168 -4.94 26.65 -11.76
C LEU A 1168 -6.18 26.85 -10.89
N PRO A 1169 -6.80 28.03 -10.81
CA PRO A 1169 -7.99 28.14 -9.93
C PRO A 1169 -9.14 27.26 -10.37
N HIS A 1170 -9.47 27.29 -11.67
CA HIS A 1170 -10.51 26.42 -12.18
C HIS A 1170 -10.17 24.95 -12.00
N GLU A 1171 -8.91 24.57 -12.13
CA GLU A 1171 -8.51 23.20 -11.86
C GLU A 1171 -8.67 22.82 -10.40
N VAL A 1172 -8.35 23.73 -9.48
CA VAL A 1172 -8.60 23.47 -8.05
C VAL A 1172 -10.08 23.22 -7.82
N GLN A 1173 -10.94 24.09 -8.37
CA GLN A 1173 -12.38 23.94 -8.19
C GLN A 1173 -12.89 22.64 -8.79
N ASN A 1174 -12.46 22.32 -10.01
CA ASN A 1174 -12.90 21.08 -10.66
C ASN A 1174 -12.42 19.85 -9.90
N LEU A 1175 -11.18 19.87 -9.41
CA LEU A 1175 -10.66 18.72 -8.68
C LEU A 1175 -11.41 18.51 -7.37
N GLU A 1176 -11.66 19.57 -6.61
CA GLU A 1176 -12.39 19.40 -5.36
C GLU A 1176 -13.82 18.95 -5.62
N LYS A 1177 -14.47 19.49 -6.65
CA LYS A 1177 -15.83 19.07 -6.99
C LYS A 1177 -15.85 17.61 -7.42
N HIS A 1178 -14.87 17.19 -8.23
CA HIS A 1178 -14.79 15.81 -8.68
C HIS A 1178 -14.57 14.86 -7.51
N ILE A 1179 -13.69 15.24 -6.58
CA ILE A 1179 -13.46 14.42 -5.40
C ILE A 1179 -14.74 14.28 -4.59
N GLU A 1180 -15.48 15.37 -4.39
CA GLU A 1180 -16.72 15.28 -3.64
C GLU A 1180 -17.76 14.42 -4.36
N VAL A 1181 -17.86 14.58 -5.69
CA VAL A 1181 -18.86 13.84 -6.46
C VAL A 1181 -18.60 12.34 -6.40
N ARG A 1182 -17.33 11.95 -6.57
CA ARG A 1182 -17.05 10.51 -6.53
C ARG A 1182 -16.78 10.01 -5.11
N LYS A 1183 -16.81 10.88 -4.11
CA LYS A 1183 -16.79 10.46 -2.72
C LYS A 1183 -18.18 10.20 -2.18
N GLU A 1184 -19.17 10.97 -2.62
CA GLU A 1184 -20.56 10.68 -2.29
C GLU A 1184 -21.09 9.46 -3.00
N LEU A 1185 -20.35 8.93 -3.99
CA LEU A 1185 -20.66 7.67 -4.63
C LEU A 1185 -20.11 6.47 -3.86
N ALA A 1186 -18.95 6.62 -3.23
CA ALA A 1186 -18.39 5.53 -2.43
C ALA A 1186 -19.20 5.24 -1.18
N GLU A 1187 -19.90 6.24 -0.64
CA GLU A 1187 -20.77 6.06 0.52
C GLU A 1187 -22.20 5.70 0.10
N LYS A 1188 -22.45 5.63 -1.20
CA LYS A 1188 -23.75 5.20 -1.71
C LYS A 1188 -23.70 3.80 -2.31
N MET A 1189 -22.55 3.37 -2.84
CA MET A 1189 -22.40 2.01 -3.33
C MET A 1189 -22.43 0.96 -2.22
N ARG A 1190 -22.08 1.32 -1.00
CA ARG A 1190 -22.13 0.39 0.12
C ARG A 1190 -23.57 0.01 0.46
C1 A1N B . -12.05 -2.23 -27.06
N1 A1N B . -13.27 -4.01 -24.18
O1 A1N B . -14.08 -2.37 -26.02
C2 A1N B . -13.07 -3.12 -26.44
N2 A1N B . -11.34 -5.51 -21.01
O2 A1N B . -10.84 -8.57 -16.94
C3 A1N B . -12.47 -3.93 -25.36
N3 A1N B . -11.40 -4.72 -23.13
C4 A1N B . -14.65 -3.58 -24.14
N4 A1N B . -14.51 -5.11 -19.68
C5 A1N B . -15.05 -3.11 -25.49
N5 A1N B . -14.98 -5.54 -18.54
C6 A1N B . -16.31 -2.28 -25.50
C7 A1N B . -12.62 -4.54 -23.05
C8 A1N B . -13.33 -4.79 -21.99
C9 A1N B . -12.68 -5.30 -20.93
C10 A1N B . -10.75 -5.19 -22.16
C11 A1N B . -13.49 -5.60 -19.72
C12 A1N B . -14.06 -6.38 -17.89
C13 A1N B . -14.04 -7.06 -16.76
C14 A1N B . -12.97 -7.75 -16.49
C15 A1N B . -11.94 -7.79 -17.33
C16 A1N B . -9.59 -8.28 -17.36
C17 A1N B . -8.92 -7.07 -16.78
C18 A1N B . -9.01 -8.90 -18.60
C19 A1N B . -8.89 -9.59 -17.29
C20 A1N B . -11.99 -7.10 -18.46
C21 A1N B . -13.02 -6.39 -18.78
PB GDP C . 13.96 -30.43 26.97
O1B GDP C . 15.32 -29.91 26.59
O2B GDP C . 13.06 -29.27 27.33
O3B GDP C . 13.36 -31.18 25.81
O3A GDP C . 14.09 -31.42 28.24
PA GDP C . 15.06 -32.70 28.15
O1A GDP C . 16.48 -32.28 27.90
O2A GDP C . 14.57 -33.64 27.07
O5' GDP C . 14.92 -33.40 29.60
C5' GDP C . 16.00 -34.16 30.12
C4' GDP C . 15.54 -34.97 31.33
O4' GDP C . 14.99 -36.21 30.89
C3' GDP C . 16.72 -35.29 32.24
O3' GDP C . 16.55 -34.65 33.51
C2' GDP C . 16.72 -36.80 32.42
O2' GDP C . 16.58 -37.13 33.80
C1' GDP C . 15.53 -37.31 31.63
N9 GDP C . 15.94 -38.40 30.71
C8 GDP C . 15.76 -38.39 29.38
N7 GDP C . 16.25 -39.52 28.81
C5 GDP C . 16.76 -40.28 29.79
C6 GDP C . 17.43 -41.59 29.88
O6 GDP C . 17.63 -42.28 28.86
N1 GDP C . 17.80 -42.04 31.09
C2 GDP C . 17.59 -41.31 32.22
N2 GDP C . 18.00 -41.82 33.40
N3 GDP C . 16.98 -40.09 32.20
C4 GDP C . 16.56 -39.54 31.04
MG MG D . 16.89 -28.60 27.13
#